data_1OBF
#
_entry.id   1OBF
#
_cell.length_a   88.984
_cell.length_b   146.622
_cell.length_c   146.622
_cell.angle_alpha   90.00
_cell.angle_beta   90.00
_cell.angle_gamma   90.00
#
_symmetry.space_group_name_H-M   'C 2 2 21'
#
loop_
_entity.id
_entity.type
_entity.pdbx_description
1 polymer 'GLYCERALDEHYDE 3-PHOSPHATE DEHYDROGENASE'
2 non-polymer 'SULFATE ION'
3 non-polymer 'POTASSIUM ION'
4 non-polymer 'TETRAETHYLENE GLYCOL'
5 water water
#
_entity_poly.entity_id   1
_entity_poly.type   'polypeptide(L)'
_entity_poly.pdbx_seq_one_letter_code
;TIRVAINGYGRIGRNILRAHYEGGKSHDIEIVAINDLGDPKTNAHLTRYDTAHGKFPGTVSVNGSYMVVNGDKIRVDANR
NPAQLPWGALKVDVVLECTGFFTTKEKAGAHIKGGAKKVIISAPGGADVDATVVYGVNHGTLKSTDTVISNAS(CSD)TT
NCLAPLVKPLNDKLGLQDGLMTTVHAYTNNQVLTDVYHEDLRRARSATMSMIPTKTGAAAAVGDVLPELDGKLNGYAIRV
PTINVSIVDLSFVAKRNTTVEEVNGILKAASEGELKGILDYNTEPLVSVDYNHDPASSTVDASLTKVSGRLVKVSSWYDN
EWGFSNRMLDTTVALMSAA
;
_entity_poly.pdbx_strand_id   O,P
#
loop_
_chem_comp.id
_chem_comp.type
_chem_comp.name
_chem_comp.formula
K non-polymer 'POTASSIUM ION' 'K 1'
PG4 non-polymer 'TETRAETHYLENE GLYCOL' 'C8 H18 O5'
SO4 non-polymer 'SULFATE ION' 'O4 S -2'
#
# COMPACT_ATOMS: atom_id res chain seq x y z
N THR A 1 18.31 -9.06 39.00
CA THR A 1 18.21 -7.98 37.96
C THR A 1 19.17 -8.21 36.80
N ILE A 2 18.69 -7.99 35.56
CA ILE A 2 19.51 -8.06 34.36
C ILE A 2 20.06 -6.64 34.06
N ARG A 3 21.38 -6.51 33.94
CA ARG A 3 22.04 -5.24 33.63
C ARG A 3 22.26 -5.10 32.12
N VAL A 4 21.65 -4.08 31.52
CA VAL A 4 21.65 -3.89 30.07
C VAL A 4 22.43 -2.63 29.72
N ALA A 5 23.13 -2.66 28.58
CA ALA A 5 23.67 -1.47 27.94
C ALA A 5 23.07 -1.37 26.54
N ILE A 6 22.92 -0.13 26.08
CA ILE A 6 22.42 0.13 24.72
C ILE A 6 23.58 0.68 23.87
N ASN A 7 23.91 0.00 22.78
CA ASN A 7 24.91 0.47 21.82
C ASN A 7 24.18 1.10 20.62
N GLY A 8 24.30 2.42 20.49
CA GLY A 8 23.50 3.18 19.54
C GLY A 8 22.21 3.76 20.09
N TYR A 9 22.20 5.07 20.33
CA TYR A 9 21.03 5.75 20.87
C TYR A 9 20.31 6.56 19.77
N GLY A 10 20.12 5.92 18.61
CA GLY A 10 19.19 6.35 17.56
C GLY A 10 17.76 6.07 17.93
N ARG A 11 16.85 6.05 16.95
CA ARG A 11 15.44 5.81 17.23
C ARG A 11 15.18 4.47 17.94
N ILE A 12 15.80 3.39 17.49
CA ILE A 12 15.55 2.07 18.09
C ILE A 12 15.95 2.06 19.59
N GLY A 13 17.16 2.52 19.87
CA GLY A 13 17.66 2.66 21.24
C GLY A 13 16.84 3.53 22.19
N ARG A 14 16.44 4.72 21.72
CA ARG A 14 15.54 5.60 22.49
C ARG A 14 14.18 4.99 22.75
N ASN A 15 13.63 4.31 21.73
CA ASN A 15 12.31 3.71 21.90
C ASN A 15 12.31 2.49 22.85
N ILE A 16 13.42 1.76 22.89
CA ILE A 16 13.58 0.70 23.88
C ILE A 16 13.62 1.32 25.28
N LEU A 17 14.39 2.38 25.46
CA LEU A 17 14.45 3.05 26.78
C LEU A 17 13.08 3.59 27.22
N ARG A 18 12.39 4.30 26.34
CA ARG A 18 11.04 4.80 26.62
C ARG A 18 10.01 3.68 26.92
N ALA A 19 10.08 2.56 26.20
CA ALA A 19 9.17 1.46 26.44
C ALA A 19 9.37 0.86 27.85
N HIS A 20 10.62 0.78 28.27
CA HIS A 20 10.95 0.29 29.65
C HIS A 20 10.33 1.20 30.74
N TYR A 21 10.55 2.52 30.64
CA TYR A 21 10.09 3.47 31.65
C TYR A 21 8.56 3.72 31.59
N GLU A 22 8.01 3.86 30.38
CA GLU A 22 6.58 4.12 30.23
C GLU A 22 5.72 2.97 30.72
N GLY A 23 6.23 1.75 30.61
CA GLY A 23 5.54 0.57 31.09
C GLY A 23 5.74 0.29 32.59
N GLY A 24 6.38 1.21 33.31
CA GLY A 24 6.56 1.11 34.76
C GLY A 24 7.68 0.16 35.20
N LYS A 25 8.66 -0.05 34.33
CA LYS A 25 9.77 -0.98 34.58
C LYS A 25 9.26 -2.39 35.01
N SER A 26 8.28 -2.92 34.27
CA SER A 26 7.70 -4.22 34.57
C SER A 26 8.63 -5.42 34.35
N HIS A 27 9.59 -5.33 33.41
CA HIS A 27 10.68 -6.31 33.30
C HIS A 27 11.75 -6.03 34.37
N ASP A 28 12.38 -7.09 34.89
CA ASP A 28 13.48 -6.95 35.88
C ASP A 28 14.80 -6.68 35.20
N ILE A 29 14.88 -5.48 34.62
CA ILE A 29 16.00 -4.97 33.83
C ILE A 29 16.35 -3.60 34.37
N GLU A 30 17.64 -3.31 34.42
CA GLU A 30 18.14 -1.97 34.65
C GLU A 30 19.10 -1.57 33.53
N ILE A 31 18.79 -0.46 32.88
CA ILE A 31 19.66 0.12 31.87
C ILE A 31 20.76 0.92 32.57
N VAL A 32 21.99 0.42 32.51
CA VAL A 32 23.12 0.97 33.25
C VAL A 32 24.07 1.84 32.41
N ALA A 33 24.03 1.73 31.07
CA ALA A 33 24.86 2.53 30.19
C ALA A 33 24.31 2.65 28.76
N ILE A 34 24.66 3.76 28.11
CA ILE A 34 24.41 4.00 26.69
C ILE A 34 25.75 4.41 26.06
N ASN A 35 26.10 3.84 24.90
CA ASN A 35 27.20 4.32 24.07
C ASN A 35 26.63 4.98 22.81
N ASP A 36 27.00 6.23 22.57
CA ASP A 36 26.62 6.99 21.38
C ASP A 36 27.63 8.12 21.10
N LEU A 37 27.89 8.41 19.84
CA LEU A 37 28.86 9.45 19.48
C LEU A 37 28.31 10.89 19.53
N GLY A 38 27.00 11.06 19.68
CA GLY A 38 26.40 12.39 19.76
C GLY A 38 26.53 13.10 21.11
N ASP A 39 26.30 14.42 21.09
CA ASP A 39 26.18 15.25 22.28
C ASP A 39 25.08 14.72 23.20
N PRO A 40 25.42 14.39 24.44
CA PRO A 40 24.44 13.91 25.42
C PRO A 40 23.27 14.85 25.68
N LYS A 41 23.49 16.16 25.63
CA LYS A 41 22.40 17.12 25.76
C LYS A 41 21.38 17.02 24.60
N THR A 42 21.87 16.79 23.39
CA THR A 42 20.99 16.60 22.23
C THR A 42 20.18 15.29 22.38
N ASN A 43 20.85 14.24 22.83
CA ASN A 43 20.21 12.95 23.01
C ASN A 43 19.17 12.95 24.14
N ALA A 44 19.41 13.76 25.16
CA ALA A 44 18.43 13.95 26.23
C ALA A 44 17.17 14.70 25.69
N HIS A 45 17.41 15.73 24.89
CA HIS A 45 16.29 16.52 24.32
C HIS A 45 15.38 15.63 23.45
N LEU A 46 15.97 14.77 22.65
CA LEU A 46 15.22 13.84 21.78
C LEU A 46 14.56 12.68 22.53
N THR A 47 14.95 12.46 23.76
CA THR A 47 14.24 11.56 24.67
C THR A 47 12.98 12.23 25.26
N ARG A 48 13.08 13.50 25.60
CA ARG A 48 11.95 14.29 26.13
C ARG A 48 10.81 14.54 25.09
N TYR A 49 11.20 14.79 23.84
CA TYR A 49 10.25 15.19 22.77
C TYR A 49 10.43 14.29 21.53
N ASP A 50 9.33 13.78 21.02
CA ASP A 50 9.32 13.05 19.75
C ASP A 50 8.05 13.42 18.95
N THR A 51 8.19 13.49 17.64
CA THR A 51 7.04 13.68 16.78
C THR A 51 6.05 12.49 16.79
N ALA A 52 6.53 11.29 16.43
CA ALA A 52 5.64 10.11 16.38
C ALA A 52 5.10 9.69 17.75
N HIS A 53 5.97 9.65 18.76
CA HIS A 53 5.57 9.09 20.08
C HIS A 53 5.23 10.13 21.16
N GLY A 54 5.23 11.40 20.78
CA GLY A 54 4.88 12.49 21.70
C GLY A 54 5.88 12.73 22.82
N LYS A 55 5.45 13.40 23.89
CA LYS A 55 6.35 13.79 24.98
C LYS A 55 6.51 12.63 25.99
N PHE A 56 7.73 12.33 26.38
CA PHE A 56 8.01 11.34 27.45
C PHE A 56 7.33 11.81 28.77
N PRO A 57 6.51 10.98 29.40
CA PRO A 57 5.84 11.40 30.64
C PRO A 57 6.75 11.60 31.87
N GLY A 58 8.00 11.13 31.85
CA GLY A 58 8.93 11.26 32.99
C GLY A 58 9.93 12.41 32.96
N THR A 59 11.02 12.29 33.71
CA THR A 59 12.04 13.32 33.79
C THR A 59 13.39 12.84 33.21
N VAL A 60 14.13 13.76 32.58
CA VAL A 60 15.43 13.47 31.99
C VAL A 60 16.38 14.64 32.29
N SER A 61 17.52 14.38 32.95
CA SER A 61 18.58 15.40 33.16
C SER A 61 19.94 14.89 32.72
N VAL A 62 20.86 15.79 32.37
CA VAL A 62 22.26 15.41 32.13
C VAL A 62 23.07 15.97 33.29
N ASN A 63 23.88 15.12 33.91
CA ASN A 63 24.66 15.48 35.09
C ASN A 63 26.02 14.80 35.01
N GLY A 64 27.02 15.56 34.54
CA GLY A 64 28.36 15.03 34.35
C GLY A 64 28.38 13.93 33.30
N SER A 65 28.85 12.76 33.68
CA SER A 65 28.99 11.64 32.75
C SER A 65 27.75 10.72 32.75
N TYR A 66 26.64 11.20 33.31
CA TYR A 66 25.38 10.44 33.42
C TYR A 66 24.18 11.16 32.78
N MET A 67 23.27 10.38 32.21
CA MET A 67 21.90 10.83 31.92
C MET A 67 20.96 10.22 32.96
N VAL A 68 20.17 11.06 33.63
CA VAL A 68 19.36 10.65 34.75
C VAL A 68 17.89 10.57 34.36
N VAL A 69 17.34 9.36 34.33
CA VAL A 69 15.96 9.12 33.89
C VAL A 69 15.11 8.64 35.04
N ASN A 70 14.05 9.37 35.35
CA ASN A 70 13.22 9.09 36.50
C ASN A 70 14.06 8.79 37.77
N GLY A 71 15.14 9.53 37.97
CA GLY A 71 16.06 9.30 39.09
C GLY A 71 17.20 8.31 38.90
N ASP A 72 17.11 7.41 37.92
CA ASP A 72 18.18 6.42 37.63
C ASP A 72 19.37 7.03 36.88
N LYS A 73 20.58 6.83 37.40
CA LYS A 73 21.80 7.32 36.73
C LYS A 73 22.29 6.33 35.68
N ILE A 74 22.32 6.76 34.42
CA ILE A 74 22.78 5.93 33.32
C ILE A 74 24.09 6.49 32.78
N ARG A 75 25.15 5.69 32.80
CA ARG A 75 26.46 6.11 32.32
C ARG A 75 26.46 6.36 30.79
N VAL A 76 26.94 7.52 30.37
CA VAL A 76 27.04 7.87 28.94
C VAL A 76 28.48 7.75 28.44
N ASP A 77 28.68 6.89 27.44
CA ASP A 77 29.98 6.60 26.84
C ASP A 77 29.96 7.07 25.37
N ALA A 78 31.15 7.18 24.77
CA ALA A 78 31.28 7.53 23.35
C ALA A 78 32.58 6.97 22.74
N ASN A 79 32.55 5.71 22.29
CA ASN A 79 33.70 5.07 21.62
C ASN A 79 33.23 4.20 20.46
N ARG A 80 33.88 4.33 19.31
CA ARG A 80 33.51 3.57 18.10
C ARG A 80 33.76 2.07 18.24
N ASN A 81 34.76 1.69 19.02
CA ASN A 81 35.25 0.31 19.12
C ASN A 81 34.76 -0.34 20.42
N PRO A 82 33.85 -1.30 20.33
CA PRO A 82 33.32 -1.94 21.53
C PRO A 82 34.36 -2.70 22.36
N ALA A 83 35.46 -3.14 21.76
CA ALA A 83 36.53 -3.78 22.54
C ALA A 83 37.13 -2.88 23.61
N GLN A 84 37.02 -1.57 23.42
CA GLN A 84 37.55 -0.55 24.34
C GLN A 84 36.52 -0.04 25.36
N LEU A 85 35.25 -0.44 25.25
CA LEU A 85 34.21 -0.02 26.20
C LEU A 85 34.31 -0.80 27.52
N PRO A 86 33.99 -0.16 28.66
CA PRO A 86 34.11 -0.79 29.99
C PRO A 86 32.90 -1.67 30.41
N TRP A 87 32.51 -2.62 29.56
CA TRP A 87 31.33 -3.44 29.82
C TRP A 87 31.60 -4.38 31.01
N GLY A 88 32.82 -4.91 31.07
CA GLY A 88 33.26 -5.74 32.19
C GLY A 88 33.25 -5.01 33.52
N ALA A 89 33.80 -3.81 33.55
CA ALA A 89 33.83 -2.98 34.76
C ALA A 89 32.42 -2.61 35.22
N LEU A 90 31.51 -2.37 34.25
CA LEU A 90 30.12 -2.05 34.54
C LEU A 90 29.25 -3.30 34.77
N LYS A 91 29.83 -4.50 34.66
CA LYS A 91 29.13 -5.78 34.90
C LYS A 91 27.85 -5.91 34.01
N VAL A 92 28.02 -5.63 32.72
CA VAL A 92 26.91 -5.72 31.76
C VAL A 92 26.60 -7.18 31.40
N ASP A 93 25.33 -7.58 31.57
CA ASP A 93 24.83 -8.88 31.14
C ASP A 93 24.53 -8.94 29.62
N VAL A 94 23.74 -7.98 29.13
CA VAL A 94 23.32 -7.98 27.71
C VAL A 94 23.51 -6.60 27.10
N VAL A 95 24.21 -6.54 25.97
CA VAL A 95 24.27 -5.34 25.10
C VAL A 95 23.16 -5.44 24.03
N LEU A 96 22.29 -4.43 23.97
CA LEU A 96 21.30 -4.31 22.90
C LEU A 96 22.01 -3.51 21.80
N GLU A 97 22.38 -4.21 20.72
CA GLU A 97 23.22 -3.69 19.64
C GLU A 97 22.31 -3.05 18.55
N CYS A 98 22.31 -1.72 18.50
CA CYS A 98 21.31 -0.92 17.77
C CYS A 98 21.90 0.05 16.73
N THR A 99 23.17 -0.15 16.32
CA THR A 99 23.83 0.75 15.37
C THR A 99 23.73 0.37 13.90
N GLY A 100 23.42 -0.89 13.62
CA GLY A 100 23.49 -1.46 12.27
C GLY A 100 24.88 -1.82 11.71
N PHE A 101 25.96 -1.58 12.45
CA PHE A 101 27.33 -1.90 12.00
C PHE A 101 27.91 -3.21 12.55
N PHE A 102 27.16 -3.91 13.41
CA PHE A 102 27.62 -5.13 14.08
C PHE A 102 26.59 -6.26 13.99
N THR A 103 26.14 -6.58 12.77
CA THR A 103 25.05 -7.53 12.58
C THR A 103 25.48 -8.99 12.32
N THR A 104 26.78 -9.30 12.48
CA THR A 104 27.24 -10.69 12.48
C THR A 104 27.81 -11.06 13.86
N LYS A 105 27.82 -12.35 14.20
CA LYS A 105 28.42 -12.79 15.48
C LYS A 105 29.90 -12.38 15.49
N GLU A 106 30.53 -12.42 14.31
CA GLU A 106 31.94 -12.03 14.16
C GLU A 106 32.18 -10.59 14.61
N LYS A 107 31.34 -9.67 14.15
CA LYS A 107 31.48 -8.27 14.51
C LYS A 107 30.96 -7.95 15.91
N ALA A 108 29.81 -8.53 16.28
CA ALA A 108 29.24 -8.31 17.63
C ALA A 108 30.12 -8.87 18.73
N GLY A 109 31.03 -9.77 18.35
CA GLY A 109 32.08 -10.28 19.22
C GLY A 109 32.95 -9.26 19.92
N ALA A 110 33.11 -8.07 19.34
CA ALA A 110 33.82 -6.98 20.00
C ALA A 110 33.24 -6.58 21.37
N HIS A 111 31.92 -6.70 21.54
CA HIS A 111 31.28 -6.42 22.83
C HIS A 111 31.70 -7.46 23.86
N ILE A 112 31.90 -8.69 23.39
CA ILE A 112 32.39 -9.78 24.24
C ILE A 112 33.82 -9.49 24.76
N LYS A 113 34.67 -8.93 23.90
CA LYS A 113 36.02 -8.49 24.33
C LYS A 113 35.97 -7.37 25.36
N GLY A 114 34.96 -6.50 25.23
CA GLY A 114 34.75 -5.42 26.16
C GLY A 114 34.35 -5.88 27.53
N GLY A 115 33.85 -7.11 27.64
CA GLY A 115 33.48 -7.69 28.92
C GLY A 115 32.01 -8.01 29.14
N ALA A 116 31.18 -7.80 28.12
CA ALA A 116 29.75 -8.17 28.23
C ALA A 116 29.54 -9.67 28.05
N LYS A 117 28.48 -10.21 28.65
CA LYS A 117 28.19 -11.64 28.54
C LYS A 117 27.49 -12.05 27.24
N LYS A 118 26.53 -11.22 26.81
CA LYS A 118 25.68 -11.57 25.67
C LYS A 118 25.31 -10.33 24.85
N VAL A 119 24.85 -10.55 23.62
CA VAL A 119 24.42 -9.48 22.71
C VAL A 119 23.10 -9.88 22.00
N ILE A 120 22.18 -8.92 21.89
CA ILE A 120 20.98 -9.06 21.04
C ILE A 120 21.03 -7.95 19.95
N ILE A 121 21.13 -8.38 18.69
CA ILE A 121 21.14 -7.46 17.54
C ILE A 121 19.68 -7.03 17.23
N SER A 122 19.43 -5.72 17.12
CA SER A 122 18.07 -5.19 16.89
C SER A 122 17.65 -5.21 15.41
N ALA A 123 17.95 -6.32 14.75
CA ALA A 123 17.86 -6.41 13.28
C ALA A 123 18.15 -7.86 12.84
N PRO A 124 17.84 -8.21 11.60
CA PRO A 124 18.28 -9.49 11.06
C PRO A 124 19.81 -9.68 11.17
N GLY A 125 20.22 -10.89 11.58
CA GLY A 125 21.62 -11.21 11.74
C GLY A 125 22.19 -12.03 10.58
N GLY A 126 23.51 -12.06 10.46
CA GLY A 126 24.16 -12.96 9.52
C GLY A 126 23.92 -14.42 9.83
N ALA A 127 24.34 -15.28 8.90
CA ALA A 127 24.23 -16.73 9.08
C ALA A 127 24.94 -17.29 10.32
N ASP A 128 25.96 -16.60 10.83
CA ASP A 128 26.73 -17.10 11.98
C ASP A 128 26.16 -16.82 13.39
N VAL A 129 24.96 -16.21 13.50
CA VAL A 129 24.37 -15.94 14.81
C VAL A 129 23.88 -17.22 15.49
N ASP A 130 23.83 -17.23 16.81
CA ASP A 130 23.42 -18.42 17.53
C ASP A 130 21.93 -18.75 17.38
N ALA A 131 21.09 -17.72 17.21
CA ALA A 131 19.65 -17.89 17.07
C ALA A 131 19.02 -16.62 16.47
N THR A 132 17.83 -16.77 15.89
CA THR A 132 17.00 -15.66 15.41
C THR A 132 15.64 -15.87 16.03
N VAL A 133 15.18 -14.91 16.82
CA VAL A 133 13.99 -15.07 17.63
C VAL A 133 12.87 -14.07 17.34
N VAL A 134 11.65 -14.60 17.17
CA VAL A 134 10.40 -13.85 17.31
C VAL A 134 9.77 -14.28 18.65
N TYR A 135 9.73 -13.37 19.61
CA TYR A 135 9.20 -13.67 20.95
C TYR A 135 7.74 -14.09 20.89
N GLY A 136 7.40 -15.23 21.52
CA GLY A 136 6.04 -15.78 21.47
C GLY A 136 5.90 -16.94 20.51
N VAL A 137 6.80 -17.01 19.53
CA VAL A 137 6.77 -18.00 18.46
C VAL A 137 7.83 -19.06 18.64
N ASN A 138 9.09 -18.66 18.84
CA ASN A 138 10.21 -19.61 18.98
C ASN A 138 11.24 -19.24 20.08
N HIS A 139 10.89 -18.41 21.06
CA HIS A 139 11.92 -18.06 22.07
C HIS A 139 12.37 -19.30 22.90
N GLY A 140 11.58 -20.37 22.82
CA GLY A 140 11.93 -21.65 23.41
C GLY A 140 13.17 -22.32 22.88
N THR A 141 13.66 -21.93 21.69
CA THR A 141 14.91 -22.50 21.17
C THR A 141 16.17 -22.02 21.86
N LEU A 142 16.06 -20.94 22.64
CA LEU A 142 17.23 -20.35 23.28
C LEU A 142 17.84 -21.28 24.35
N LYS A 143 19.16 -21.22 24.44
CA LYS A 143 19.96 -21.98 25.43
C LYS A 143 20.83 -21.03 26.26
N SER A 144 21.18 -21.46 27.49
CA SER A 144 22.06 -20.69 28.36
C SER A 144 23.45 -20.44 27.75
N THR A 145 23.82 -21.22 26.75
CA THR A 145 25.11 -21.08 26.07
C THR A 145 25.14 -20.16 24.84
N ASP A 146 23.97 -19.70 24.39
CA ASP A 146 23.91 -18.71 23.30
C ASP A 146 24.51 -17.39 23.78
N THR A 147 25.34 -16.74 22.97
CA THR A 147 25.95 -15.44 23.32
C THR A 147 25.65 -14.27 22.35
N VAL A 148 25.41 -14.53 21.07
CA VAL A 148 24.97 -13.49 20.10
C VAL A 148 23.74 -13.94 19.29
N ILE A 149 22.60 -13.26 19.49
CA ILE A 149 21.36 -13.63 18.78
C ILE A 149 20.77 -12.39 18.03
N SER A 150 19.82 -12.65 17.14
CA SER A 150 19.05 -11.61 16.43
C SER A 150 17.60 -11.64 16.88
N ASN A 151 17.00 -10.46 17.04
CA ASN A 151 15.55 -10.33 17.34
C ASN A 151 14.67 -10.25 16.07
N ALA A 152 15.24 -10.65 14.93
CA ALA A 152 14.58 -10.57 13.62
C ALA A 152 14.27 -9.10 13.27
N SER A 153 13.29 -8.88 12.39
CA SER A 153 12.90 -7.54 11.96
C SER A 153 11.50 -7.18 12.46
N CSD A 154 11.16 -5.89 12.37
CA CSD A 154 9.82 -5.42 12.68
CB CSD A 154 9.72 -3.88 12.56
SG CSD A 154 10.12 -3.17 10.92
C CSD A 154 8.72 -6.19 11.89
O CSD A 154 7.72 -6.67 12.45
OD1 CSD A 154 8.64 -3.02 10.07
OD2 CSD A 154 10.77 -1.54 11.07
OD2 CSD A 154 11.12 -4.29 10.02
N THR A 155 8.94 -6.36 10.59
CA THR A 155 7.99 -7.10 9.75
C THR A 155 7.89 -8.61 10.04
N THR A 156 9.01 -9.27 10.32
CA THR A 156 8.99 -10.68 10.66
C THR A 156 8.21 -10.90 11.97
N ASN A 157 8.37 -9.98 12.93
CA ASN A 157 7.61 -10.01 14.20
C ASN A 157 6.07 -9.82 14.04
N CYS A 158 5.62 -9.17 12.97
CA CYS A 158 4.19 -9.09 12.64
C CYS A 158 3.69 -10.37 11.91
N LEU A 159 4.44 -10.83 10.91
CA LEU A 159 4.03 -11.95 10.06
C LEU A 159 4.07 -13.33 10.73
N ALA A 160 5.10 -13.62 11.51
CA ALA A 160 5.26 -14.95 12.13
C ALA A 160 4.11 -15.30 13.10
N PRO A 161 3.69 -14.38 13.98
CA PRO A 161 2.56 -14.68 14.88
C PRO A 161 1.22 -14.89 14.16
N LEU A 162 1.07 -14.29 12.96
CA LEU A 162 -0.05 -14.54 12.07
C LEU A 162 -0.01 -15.94 11.48
N VAL A 163 1.16 -16.34 10.97
CA VAL A 163 1.31 -17.58 10.24
C VAL A 163 1.22 -18.82 11.14
N LYS A 164 1.82 -18.77 12.34
CA LYS A 164 1.92 -19.95 13.19
C LYS A 164 0.55 -20.60 13.50
N PRO A 165 -0.45 -19.90 14.05
CA PRO A 165 -1.73 -20.57 14.36
C PRO A 165 -2.46 -21.04 13.09
N LEU A 166 -2.34 -20.29 12.00
CA LEU A 166 -2.96 -20.73 10.73
C LEU A 166 -2.31 -22.00 10.17
N ASN A 167 -0.98 -22.12 10.22
CA ASN A 167 -0.33 -23.34 9.77
C ASN A 167 -0.62 -24.54 10.70
N ASP A 168 -0.70 -24.27 12.00
CA ASP A 168 -0.99 -25.33 12.99
C ASP A 168 -2.39 -25.94 12.83
N LYS A 169 -3.41 -25.13 12.59
CA LYS A 169 -4.81 -25.58 12.65
C LYS A 169 -5.43 -25.83 11.28
N LEU A 170 -4.89 -25.21 10.24
CA LEU A 170 -5.43 -25.28 8.90
C LEU A 170 -4.40 -25.82 7.90
N GLY A 171 -3.17 -25.29 7.94
CA GLY A 171 -2.08 -25.72 7.09
C GLY A 171 -1.89 -24.70 5.97
N LEU A 172 -0.66 -24.24 5.79
CA LEU A 172 -0.29 -23.28 4.75
C LEU A 172 0.59 -23.97 3.72
N GLN A 173 0.16 -24.02 2.47
CA GLN A 173 0.93 -24.63 1.38
C GLN A 173 1.99 -23.69 0.82
N ASP A 174 1.54 -22.48 0.45
CA ASP A 174 2.40 -21.41 -0.05
C ASP A 174 1.80 -20.07 0.36
N GLY A 175 2.65 -19.05 0.51
CA GLY A 175 2.18 -17.70 0.86
C GLY A 175 3.01 -16.58 0.28
N LEU A 176 2.35 -15.46 -0.07
CA LEU A 176 3.02 -14.26 -0.63
C LEU A 176 2.51 -13.03 0.13
N MET A 177 3.42 -12.21 0.61
CA MET A 177 3.13 -11.04 1.46
C MET A 177 3.46 -9.72 0.73
N THR A 178 2.58 -8.73 0.88
CA THR A 178 2.95 -7.33 0.68
C THR A 178 2.82 -6.58 2.00
N THR A 179 3.87 -5.92 2.46
CA THR A 179 3.75 -4.97 3.58
C THR A 179 3.69 -3.53 3.05
N VAL A 180 2.59 -2.85 3.34
CA VAL A 180 2.40 -1.42 3.03
C VAL A 180 2.93 -0.69 4.29
N HIS A 181 4.03 0.03 4.14
CA HIS A 181 4.94 0.34 5.27
C HIS A 181 5.25 1.86 5.35
N ALA A 182 5.28 2.40 6.56
CA ALA A 182 5.72 3.79 6.78
C ALA A 182 7.15 4.05 6.28
N TYR A 183 7.46 5.29 5.94
CA TYR A 183 8.87 5.62 5.60
C TYR A 183 9.77 5.56 6.86
N THR A 184 11.07 5.38 6.62
CA THR A 184 12.11 5.42 7.66
C THR A 184 13.26 6.35 7.25
N ASN A 185 14.18 6.59 8.18
CA ASN A 185 15.30 7.51 7.93
C ASN A 185 16.35 6.99 6.96
N ASN A 186 16.23 5.74 6.51
CA ASN A 186 17.03 5.25 5.38
C ASN A 186 16.60 5.92 4.07
N GLN A 187 15.37 6.42 4.01
CA GLN A 187 14.86 7.08 2.81
C GLN A 187 15.19 8.58 2.77
N VAL A 188 14.68 9.30 1.75
CA VAL A 188 15.06 10.68 1.48
C VAL A 188 13.84 11.63 1.32
N LEU A 189 14.07 12.94 1.53
CA LEU A 189 13.01 13.97 1.41
C LEU A 189 12.80 14.39 -0.04
N THR A 190 13.91 14.55 -0.72
CA THR A 190 13.91 14.86 -2.17
C THR A 190 15.09 14.11 -2.84
N ASP A 191 14.94 13.78 -4.12
CA ASP A 191 15.76 12.72 -4.74
C ASP A 191 17.27 13.01 -4.59
N VAL A 192 18.02 12.01 -4.14
CA VAL A 192 19.45 12.12 -3.90
C VAL A 192 20.10 10.71 -3.94
N TYR A 193 21.41 10.64 -4.15
CA TYR A 193 22.13 9.35 -4.22
C TYR A 193 21.74 8.35 -3.13
N HIS A 194 21.51 7.09 -3.52
CA HIS A 194 21.25 5.98 -2.59
C HIS A 194 21.69 4.69 -3.24
N GLU A 195 22.09 3.70 -2.45
CA GLU A 195 22.46 2.37 -2.97
C GLU A 195 21.29 1.66 -3.70
N ASP A 196 20.05 1.96 -3.29
CA ASP A 196 18.80 1.41 -3.84
C ASP A 196 18.15 2.52 -4.70
N LEU A 197 18.08 2.30 -6.00
CA LEU A 197 17.63 3.33 -6.95
C LEU A 197 16.18 3.77 -6.72
N ARG A 198 15.36 2.91 -6.10
CA ARG A 198 13.98 3.32 -5.71
C ARG A 198 13.94 4.14 -4.41
N ARG A 199 14.73 3.76 -3.41
CA ARG A 199 14.84 4.56 -2.20
C ARG A 199 15.56 5.90 -2.38
N ALA A 200 16.22 6.10 -3.53
CA ALA A 200 16.82 7.40 -3.90
C ALA A 200 15.75 8.46 -4.23
N ARG A 201 14.49 8.05 -4.28
CA ARG A 201 13.40 8.92 -4.69
C ARG A 201 12.57 9.44 -3.50
N SER A 202 12.14 10.69 -3.57
CA SER A 202 11.36 11.32 -2.49
C SER A 202 10.33 10.36 -1.86
N ALA A 203 10.50 10.13 -0.56
CA ALA A 203 9.57 9.30 0.22
C ALA A 203 8.19 9.92 0.52
N THR A 204 8.11 11.25 0.43
CA THR A 204 6.91 12.00 0.77
C THR A 204 5.89 12.12 -0.37
N MET A 205 6.31 11.82 -1.60
CA MET A 205 5.49 12.06 -2.79
C MET A 205 5.06 10.77 -3.53
N SER A 206 5.64 9.62 -3.17
CA SER A 206 5.45 8.37 -3.92
C SER A 206 5.23 7.12 -3.06
N MET A 207 4.58 6.16 -3.71
CA MET A 207 4.65 4.72 -3.39
C MET A 207 5.94 4.12 -3.97
N ILE A 208 6.75 3.49 -3.12
CA ILE A 208 8.11 3.07 -3.48
C ILE A 208 8.30 1.58 -3.16
N PRO A 209 8.25 0.69 -4.15
CA PRO A 209 8.55 -0.72 -3.89
C PRO A 209 9.99 -0.95 -3.43
N THR A 210 10.17 -1.89 -2.53
CA THR A 210 11.50 -2.25 -2.03
C THR A 210 11.54 -3.70 -1.49
N LYS A 211 12.74 -4.30 -1.48
CA LYS A 211 12.90 -5.68 -1.05
C LYS A 211 12.70 -5.82 0.44
N THR A 212 12.25 -6.99 0.83
CA THR A 212 12.21 -7.36 2.23
C THR A 212 12.60 -8.84 2.39
N GLY A 213 13.39 -9.13 3.40
CA GLY A 213 13.73 -10.49 3.75
C GLY A 213 12.77 -11.15 4.73
N ALA A 214 11.72 -10.43 5.14
CA ALA A 214 10.83 -10.89 6.24
C ALA A 214 10.09 -12.19 5.97
N ALA A 215 9.64 -12.39 4.74
CA ALA A 215 8.88 -13.59 4.41
C ALA A 215 9.79 -14.81 4.38
N ALA A 216 10.96 -14.71 3.77
CA ALA A 216 11.95 -15.78 3.80
C ALA A 216 12.42 -16.09 5.24
N ALA A 217 12.47 -15.06 6.09
CA ALA A 217 12.97 -15.21 7.47
C ALA A 217 12.02 -15.98 8.37
N VAL A 218 10.74 -16.04 8.02
CA VAL A 218 9.81 -16.89 8.77
C VAL A 218 10.31 -18.36 8.78
N GLY A 219 11.01 -18.79 7.73
CA GLY A 219 11.69 -20.09 7.72
C GLY A 219 12.78 -20.34 8.77
N ASP A 220 13.40 -19.29 9.28
CA ASP A 220 14.37 -19.38 10.39
C ASP A 220 13.66 -19.64 11.72
N VAL A 221 12.46 -19.09 11.89
CA VAL A 221 11.76 -19.18 13.17
C VAL A 221 10.72 -20.31 13.20
N LEU A 222 10.23 -20.72 12.02
CA LEU A 222 9.35 -21.88 11.85
C LEU A 222 9.91 -22.73 10.72
N PRO A 223 10.89 -23.59 11.01
CA PRO A 223 11.57 -24.39 9.97
C PRO A 223 10.65 -25.25 9.09
N GLU A 224 9.50 -25.66 9.60
CA GLU A 224 8.51 -26.38 8.80
C GLU A 224 7.99 -25.58 7.56
N LEU A 225 8.18 -24.25 7.54
CA LEU A 225 7.78 -23.41 6.39
C LEU A 225 8.91 -22.82 5.56
N ASP A 226 10.13 -23.33 5.72
CA ASP A 226 11.29 -22.79 5.01
C ASP A 226 11.03 -22.95 3.51
N GLY A 227 11.20 -21.86 2.77
CA GLY A 227 11.01 -21.85 1.32
C GLY A 227 9.58 -21.67 0.81
N LYS A 228 8.59 -21.61 1.71
CA LYS A 228 7.17 -21.59 1.32
C LYS A 228 6.57 -20.18 1.30
N LEU A 229 7.33 -19.18 1.76
CA LEU A 229 6.86 -17.79 1.77
C LEU A 229 7.84 -16.84 1.09
N ASN A 230 7.31 -15.81 0.43
CA ASN A 230 8.11 -14.78 -0.30
C ASN A 230 7.29 -13.47 -0.20
N GLY A 231 7.90 -12.33 -0.50
CA GLY A 231 7.12 -11.10 -0.64
C GLY A 231 7.95 -9.86 -0.88
N TYR A 232 7.31 -8.68 -0.83
CA TYR A 232 7.99 -7.38 -0.94
C TYR A 232 7.27 -6.29 -0.08
N ALA A 233 7.87 -5.11 -0.03
CA ALA A 233 7.31 -3.95 0.66
C ALA A 233 6.98 -2.80 -0.33
N ILE A 234 5.96 -2.01 0.01
CA ILE A 234 5.69 -0.72 -0.61
C ILE A 234 5.77 0.36 0.47
N ARG A 235 6.80 1.22 0.39
CA ARG A 235 6.93 2.36 1.28
C ARG A 235 5.98 3.51 0.80
N VAL A 236 5.21 4.07 1.73
CA VAL A 236 4.22 5.13 1.43
C VAL A 236 4.38 6.33 2.39
N PRO A 237 3.80 7.48 2.05
CA PRO A 237 4.00 8.70 2.86
C PRO A 237 3.27 8.82 4.24
N THR A 238 3.65 7.96 5.19
CA THR A 238 3.28 8.11 6.61
C THR A 238 4.53 7.95 7.46
N ILE A 239 4.50 8.55 8.66
CA ILE A 239 5.68 8.60 9.55
C ILE A 239 5.87 7.34 10.38
N ASN A 240 4.78 6.62 10.66
CA ASN A 240 4.81 5.42 11.52
C ASN A 240 3.53 4.60 11.36
N VAL A 241 3.63 3.29 11.65
CA VAL A 241 2.58 2.25 11.58
C VAL A 241 2.49 1.68 10.17
N SER A 242 2.40 0.35 10.11
CA SER A 242 2.44 -0.42 8.87
C SER A 242 1.37 -1.54 8.90
N ILE A 243 1.16 -2.22 7.77
CA ILE A 243 0.21 -3.32 7.66
C ILE A 243 0.79 -4.46 6.80
N VAL A 244 0.70 -5.68 7.29
CA VAL A 244 0.99 -6.89 6.52
C VAL A 244 -0.30 -7.38 5.84
N ASP A 245 -0.21 -7.60 4.53
CA ASP A 245 -1.28 -8.16 3.70
C ASP A 245 -0.77 -9.52 3.22
N LEU A 246 -1.29 -10.60 3.81
CA LEU A 246 -0.83 -11.95 3.50
C LEU A 246 -1.87 -12.70 2.67
N SER A 247 -1.45 -13.21 1.51
CA SER A 247 -2.25 -14.13 0.70
C SER A 247 -1.65 -15.52 0.74
N PHE A 248 -2.45 -16.54 1.06
CA PHE A 248 -1.94 -17.91 1.13
C PHE A 248 -2.93 -18.97 0.66
N VAL A 249 -2.37 -20.09 0.23
CA VAL A 249 -3.14 -21.29 -0.10
C VAL A 249 -3.24 -22.23 1.10
N ALA A 250 -4.47 -22.43 1.57
CA ALA A 250 -4.75 -23.31 2.72
C ALA A 250 -4.73 -24.76 2.25
N LYS A 251 -4.33 -25.66 3.15
CA LYS A 251 -4.23 -27.11 2.88
C LYS A 251 -5.59 -27.83 2.73
N ARG A 252 -6.67 -27.20 3.18
CA ARG A 252 -8.04 -27.70 2.95
C ARG A 252 -9.05 -26.56 2.79
N ASN A 253 -10.26 -26.90 2.37
CA ASN A 253 -11.34 -25.92 2.22
C ASN A 253 -11.63 -25.25 3.56
N THR A 254 -11.89 -23.95 3.53
CA THR A 254 -12.20 -23.19 4.76
C THR A 254 -13.20 -22.04 4.51
N THR A 255 -13.44 -21.20 5.52
CA THR A 255 -14.35 -20.05 5.47
C THR A 255 -13.74 -18.85 6.22
N VAL A 256 -14.26 -17.66 5.94
CA VAL A 256 -13.90 -16.43 6.68
C VAL A 256 -14.08 -16.65 8.18
N GLU A 257 -15.21 -17.25 8.56
CA GLU A 257 -15.52 -17.47 9.96
C GLU A 257 -14.53 -18.40 10.67
N GLU A 258 -14.13 -19.47 10.01
CA GLU A 258 -13.14 -20.38 10.58
C GLU A 258 -11.76 -19.70 10.72
N VAL A 259 -11.28 -19.06 9.66
CA VAL A 259 -9.98 -18.37 9.67
C VAL A 259 -9.91 -17.32 10.80
N ASN A 260 -10.90 -16.46 10.90
CA ASN A 260 -10.99 -15.46 11.97
C ASN A 260 -11.09 -16.12 13.38
N GLY A 261 -11.89 -17.17 13.50
CA GLY A 261 -11.98 -17.94 14.74
C GLY A 261 -10.67 -18.53 15.25
N ILE A 262 -9.86 -19.08 14.33
CA ILE A 262 -8.50 -19.56 14.68
C ILE A 262 -7.61 -18.46 15.25
N LEU A 263 -7.60 -17.31 14.57
CA LEU A 263 -6.79 -16.16 14.99
C LEU A 263 -7.27 -15.59 16.35
N LYS A 264 -8.58 -15.52 16.53
CA LYS A 264 -9.17 -15.01 17.79
C LYS A 264 -8.76 -15.92 18.97
N ALA A 265 -8.87 -17.23 18.81
CA ALA A 265 -8.49 -18.16 19.89
C ALA A 265 -6.99 -18.05 20.22
N ALA A 266 -6.15 -17.86 19.19
CA ALA A 266 -4.72 -17.71 19.41
C ALA A 266 -4.39 -16.42 20.16
N SER A 267 -5.13 -15.34 19.89
CA SER A 267 -4.90 -14.06 20.60
C SER A 267 -5.32 -14.10 22.08
N GLU A 268 -6.16 -15.07 22.42
CA GLU A 268 -6.65 -15.23 23.80
C GLU A 268 -5.87 -16.31 24.55
N GLY A 269 -4.97 -17.02 23.87
CA GLY A 269 -4.26 -18.17 24.41
C GLY A 269 -2.74 -18.09 24.34
N GLU A 270 -2.12 -18.98 23.57
CA GLU A 270 -0.66 -19.09 23.49
C GLU A 270 0.00 -17.75 23.11
N LEU A 271 -0.64 -16.92 22.28
CA LEU A 271 -0.02 -15.66 21.82
C LEU A 271 -0.60 -14.39 22.49
N LYS A 272 -1.22 -14.55 23.67
CA LYS A 272 -1.78 -13.39 24.38
C LYS A 272 -0.68 -12.37 24.68
N GLY A 273 -0.96 -11.10 24.38
CA GLY A 273 0.00 -10.02 24.55
C GLY A 273 0.99 -9.82 23.39
N ILE A 274 0.93 -10.69 22.38
CA ILE A 274 1.81 -10.61 21.21
C ILE A 274 0.96 -10.42 19.93
N LEU A 275 -0.01 -11.31 19.74
CA LEU A 275 -1.01 -11.21 18.67
C LEU A 275 -2.33 -10.74 19.28
N ASP A 276 -2.85 -9.61 18.79
CA ASP A 276 -4.17 -9.09 19.16
C ASP A 276 -5.17 -9.29 18.00
N TYR A 277 -6.45 -9.04 18.26
CA TYR A 277 -7.55 -9.28 17.32
C TYR A 277 -8.60 -8.14 17.44
N ASN A 278 -8.89 -7.46 16.33
CA ASN A 278 -9.73 -6.27 16.36
C ASN A 278 -10.87 -6.36 15.35
N THR A 279 -12.07 -5.90 15.74
CA THR A 279 -13.27 -5.88 14.89
C THR A 279 -13.86 -4.49 14.65
N GLU A 280 -13.16 -3.42 15.06
CA GLU A 280 -13.66 -2.05 14.96
C GLU A 280 -13.14 -1.45 13.63
N PRO A 281 -13.83 -0.42 13.10
CA PRO A 281 -13.44 0.21 11.84
C PRO A 281 -12.34 1.28 11.98
N LEU A 282 -11.10 0.85 12.28
CA LEU A 282 -10.01 1.75 12.62
C LEU A 282 -9.08 2.02 11.41
N VAL A 283 -8.19 2.99 11.56
CA VAL A 283 -7.20 3.28 10.51
C VAL A 283 -5.80 3.29 11.13
N SER A 284 -4.75 3.45 10.31
CA SER A 284 -3.39 3.26 10.83
C SER A 284 -3.02 4.12 12.07
N VAL A 285 -3.42 5.39 12.09
CA VAL A 285 -3.04 6.26 13.22
C VAL A 285 -3.49 5.73 14.60
N ASP A 286 -4.55 4.96 14.64
CA ASP A 286 -5.12 4.43 15.89
C ASP A 286 -4.23 3.39 16.54
N TYR A 287 -3.28 2.83 15.76
CA TYR A 287 -2.33 1.81 16.21
C TYR A 287 -0.98 2.40 16.62
N ASN A 288 -0.79 3.72 16.46
CA ASN A 288 0.43 4.38 16.90
C ASN A 288 0.57 4.24 18.42
N HIS A 289 1.75 3.82 18.87
CA HIS A 289 2.05 3.58 20.30
C HIS A 289 1.34 2.34 20.88
N ASP A 290 0.90 1.43 20.00
CA ASP A 290 0.33 0.12 20.42
C ASP A 290 1.46 -0.91 20.48
N PRO A 291 1.69 -1.54 21.66
CA PRO A 291 2.83 -2.45 21.84
C PRO A 291 2.73 -3.88 21.27
N ALA A 292 1.62 -4.27 20.67
CA ALA A 292 1.46 -5.61 20.11
C ALA A 292 2.43 -5.82 18.94
N SER A 293 2.86 -7.06 18.73
CA SER A 293 3.65 -7.41 17.55
C SER A 293 2.80 -7.40 16.27
N SER A 294 1.51 -7.70 16.41
CA SER A 294 0.61 -8.02 15.28
C SER A 294 -0.84 -7.87 15.76
N THR A 295 -1.67 -7.08 15.06
CA THR A 295 -3.12 -7.02 15.35
C THR A 295 -3.95 -7.32 14.09
N VAL A 296 -4.62 -8.47 14.11
CA VAL A 296 -5.48 -8.89 13.01
C VAL A 296 -6.67 -7.94 12.85
N ASP A 297 -6.91 -7.46 11.63
CA ASP A 297 -8.13 -6.69 11.37
C ASP A 297 -9.18 -7.63 10.77
N ALA A 298 -10.10 -8.09 11.63
CA ALA A 298 -11.01 -9.21 11.27
C ALA A 298 -11.93 -8.86 10.13
N SER A 299 -12.27 -7.58 9.98
CA SER A 299 -13.17 -7.13 8.92
C SER A 299 -12.60 -7.27 7.50
N LEU A 300 -11.28 -7.41 7.39
CA LEU A 300 -10.59 -7.46 6.09
C LEU A 300 -10.37 -8.88 5.55
N THR A 301 -10.68 -9.89 6.35
CA THR A 301 -10.43 -11.28 5.95
C THR A 301 -11.28 -11.70 4.76
N LYS A 302 -10.65 -12.31 3.75
CA LYS A 302 -11.34 -12.83 2.55
C LYS A 302 -10.94 -14.28 2.23
N VAL A 303 -11.90 -15.08 1.74
CA VAL A 303 -11.66 -16.47 1.28
C VAL A 303 -12.34 -16.71 -0.10
N SER A 304 -11.54 -17.20 -1.05
CA SER A 304 -11.95 -17.52 -2.44
C SER A 304 -11.32 -18.89 -2.82
N GLY A 305 -12.08 -19.95 -2.61
CA GLY A 305 -11.58 -21.30 -2.82
C GLY A 305 -10.73 -21.66 -1.63
N ARG A 306 -9.55 -22.22 -1.85
CA ARG A 306 -8.57 -22.39 -0.77
C ARG A 306 -7.66 -21.15 -0.65
N LEU A 307 -7.94 -20.10 -1.41
CA LEU A 307 -7.14 -18.87 -1.37
C LEU A 307 -7.67 -17.93 -0.28
N VAL A 308 -6.79 -17.54 0.64
CA VAL A 308 -7.18 -16.74 1.81
C VAL A 308 -6.35 -15.46 1.86
N LYS A 309 -6.96 -14.32 2.21
CA LYS A 309 -6.24 -13.09 2.53
C LYS A 309 -6.54 -12.66 3.97
N VAL A 310 -5.48 -12.43 4.74
CA VAL A 310 -5.58 -11.85 6.08
C VAL A 310 -4.64 -10.66 6.24
N SER A 311 -5.06 -9.67 7.03
CA SER A 311 -4.28 -8.41 7.18
C SER A 311 -4.11 -8.05 8.65
N SER A 312 -2.91 -7.57 8.99
CA SER A 312 -2.57 -7.27 10.37
C SER A 312 -1.78 -5.96 10.53
N TRP A 313 -2.24 -5.09 11.42
CA TRP A 313 -1.58 -3.82 11.72
C TRP A 313 -0.39 -4.00 12.69
N TYR A 314 0.63 -3.17 12.53
CA TYR A 314 1.76 -3.11 13.47
C TYR A 314 2.43 -1.73 13.56
N ASP A 315 2.60 -1.26 14.79
CA ASP A 315 3.50 -0.13 15.03
C ASP A 315 4.92 -0.67 14.85
N ASN A 316 5.53 -0.36 13.71
CA ASN A 316 6.85 -0.91 13.35
C ASN A 316 8.02 -0.47 14.21
N GLU A 317 7.82 0.59 15.03
CA GLU A 317 8.80 1.01 16.06
C GLU A 317 8.49 0.42 17.46
N TRP A 318 7.27 0.57 17.89
CA TRP A 318 6.89 0.34 19.32
C TRP A 318 6.70 -1.13 19.65
N GLY A 319 6.10 -1.91 18.75
CA GLY A 319 5.99 -3.35 18.94
C GLY A 319 7.37 -3.96 19.14
N PHE A 320 8.26 -3.71 18.18
CA PHE A 320 9.61 -4.26 18.19
C PHE A 320 10.43 -3.82 19.43
N SER A 321 10.26 -2.56 19.85
CA SER A 321 10.97 -2.01 21.03
C SER A 321 10.57 -2.78 22.27
N ASN A 322 9.29 -3.06 22.43
CA ASN A 322 8.81 -3.84 23.60
C ASN A 322 9.30 -5.30 23.55
N ARG A 323 9.30 -5.92 22.38
CA ARG A 323 9.79 -7.28 22.24
C ARG A 323 11.28 -7.42 22.56
N MET A 324 12.08 -6.37 22.33
CA MET A 324 13.53 -6.42 22.65
C MET A 324 13.67 -6.67 24.16
N LEU A 325 12.79 -6.08 24.95
CA LEU A 325 12.78 -6.30 26.42
C LEU A 325 12.37 -7.73 26.81
N ASP A 326 11.32 -8.24 26.17
CA ASP A 326 10.88 -9.63 26.39
C ASP A 326 11.99 -10.63 26.03
N THR A 327 12.64 -10.45 24.90
CA THR A 327 13.68 -11.37 24.44
C THR A 327 14.91 -11.32 25.37
N THR A 328 15.19 -10.16 25.94
CA THR A 328 16.27 -10.00 26.92
C THR A 328 16.01 -10.93 28.12
N VAL A 329 14.80 -10.90 28.64
CA VAL A 329 14.47 -11.75 29.83
C VAL A 329 14.52 -13.23 29.45
N ALA A 330 13.98 -13.58 28.28
CA ALA A 330 13.99 -14.97 27.83
C ALA A 330 15.42 -15.49 27.67
N LEU A 331 16.31 -14.69 27.08
CA LEU A 331 17.67 -15.10 26.85
C LEU A 331 18.43 -15.38 28.17
N MET A 332 18.24 -14.54 29.17
CA MET A 332 18.93 -14.71 30.47
C MET A 332 18.26 -15.74 31.40
N SER A 333 17.04 -16.15 31.09
CA SER A 333 16.32 -17.16 31.86
C SER A 333 16.44 -18.57 31.26
N ALA A 334 17.05 -18.69 30.09
CA ALA A 334 17.08 -19.95 29.39
C ALA A 334 17.93 -20.98 30.16
N ALA A 335 17.44 -22.22 30.22
CA ALA A 335 18.16 -23.31 30.87
C ALA A 335 19.35 -23.71 30.00
N THR B 1 -16.94 12.90 -38.48
CA THR B 1 -16.44 13.39 -37.16
C THR B 1 -17.54 13.23 -36.12
N ILE B 2 -17.19 12.69 -34.96
CA ILE B 2 -18.13 12.47 -33.86
C ILE B 2 -18.23 13.74 -33.03
N ARG B 3 -19.44 14.26 -32.86
CA ARG B 3 -19.69 15.46 -32.06
C ARG B 3 -19.99 15.04 -30.62
N VAL B 4 -19.21 15.59 -29.69
CA VAL B 4 -19.27 15.16 -28.28
C VAL B 4 -19.64 16.32 -27.35
N ALA B 5 -20.46 16.03 -26.35
CA ALA B 5 -20.69 16.97 -25.27
C ALA B 5 -20.28 16.34 -23.93
N ILE B 6 -19.83 17.17 -23.00
CA ILE B 6 -19.48 16.72 -21.64
C ILE B 6 -20.52 17.24 -20.63
N ASN B 7 -21.19 16.35 -19.92
CA ASN B 7 -22.07 16.70 -18.82
C ASN B 7 -21.35 16.53 -17.48
N GLY B 8 -21.06 17.65 -16.82
CA GLY B 8 -20.24 17.66 -15.60
C GLY B 8 -18.77 17.99 -15.90
N TYR B 9 -18.34 19.18 -15.49
CA TYR B 9 -16.98 19.64 -15.77
C TYR B 9 -16.16 19.71 -14.48
N GLY B 10 -16.24 18.64 -13.68
CA GLY B 10 -15.34 18.37 -12.55
C GLY B 10 -14.01 17.79 -13.04
N ARG B 11 -13.26 17.13 -12.16
CA ARG B 11 -11.94 16.63 -12.56
C ARG B 11 -12.01 15.65 -13.77
N ILE B 12 -12.95 14.73 -13.76
CA ILE B 12 -13.11 13.78 -14.87
C ILE B 12 -13.34 14.51 -16.21
N GLY B 13 -14.29 15.44 -16.25
CA GLY B 13 -14.58 16.16 -17.49
C GLY B 13 -13.40 17.00 -17.98
N ARG B 14 -12.69 17.66 -17.06
CA ARG B 14 -11.55 18.51 -17.45
C ARG B 14 -10.42 17.66 -17.96
N ASN B 15 -10.19 16.50 -17.33
CA ASN B 15 -9.14 15.61 -17.78
C ASN B 15 -9.44 14.96 -19.14
N ILE B 16 -10.70 14.67 -19.44
CA ILE B 16 -11.05 14.19 -20.79
C ILE B 16 -10.74 15.28 -21.82
N LEU B 17 -11.15 16.51 -21.56
CA LEU B 17 -10.87 17.61 -22.51
C LEU B 17 -9.37 17.81 -22.70
N ARG B 18 -8.61 17.83 -21.61
CA ARG B 18 -7.14 17.98 -21.70
C ARG B 18 -6.49 16.80 -22.43
N ALA B 19 -6.94 15.56 -22.22
CA ALA B 19 -6.36 14.42 -22.93
C ALA B 19 -6.55 14.56 -24.45
N HIS B 20 -7.72 15.07 -24.84
CA HIS B 20 -8.06 15.24 -26.26
C HIS B 20 -7.08 16.27 -26.89
N TYR B 21 -6.95 17.44 -26.30
CA TYR B 21 -6.09 18.49 -26.88
C TYR B 21 -4.55 18.23 -26.75
N GLU B 22 -4.10 17.73 -25.61
CA GLU B 22 -2.65 17.48 -25.40
C GLU B 22 -2.11 16.36 -26.29
N GLY B 23 -2.97 15.41 -26.67
CA GLY B 23 -2.61 14.34 -27.58
C GLY B 23 -2.73 14.70 -29.05
N GLY B 24 -2.95 15.99 -29.33
CA GLY B 24 -3.00 16.47 -30.70
C GLY B 24 -4.29 16.17 -31.46
N LYS B 25 -5.42 16.03 -30.76
CA LYS B 25 -6.70 15.63 -31.37
C LYS B 25 -6.60 14.42 -32.31
N SER B 26 -5.97 13.36 -31.81
CA SER B 26 -5.74 12.12 -32.56
C SER B 26 -7.02 11.34 -32.91
N HIS B 27 -8.03 11.41 -32.06
CA HIS B 27 -9.34 10.84 -32.36
C HIS B 27 -10.18 11.80 -33.23
N ASP B 28 -10.95 11.23 -34.14
CA ASP B 28 -11.81 12.03 -35.02
C ASP B 28 -13.06 12.48 -34.24
N ILE B 29 -12.84 13.41 -33.29
CA ILE B 29 -13.83 13.89 -32.32
C ILE B 29 -13.74 15.39 -32.22
N GLU B 30 -14.89 16.05 -32.11
CA GLU B 30 -14.94 17.45 -31.71
C GLU B 30 -15.84 17.63 -30.49
N ILE B 31 -15.28 18.24 -29.44
CA ILE B 31 -16.03 18.62 -28.27
C ILE B 31 -16.75 19.92 -28.57
N VAL B 32 -18.09 19.87 -28.61
CA VAL B 32 -18.90 21.02 -29.05
C VAL B 32 -19.60 21.76 -27.92
N ALA B 33 -19.72 21.13 -26.74
CA ALA B 33 -20.44 21.70 -25.62
C ALA B 33 -20.08 21.08 -24.26
N ILE B 34 -20.18 21.89 -23.21
CA ILE B 34 -20.00 21.44 -21.83
C ILE B 34 -21.20 21.94 -21.00
N ASN B 35 -21.81 21.08 -20.18
CA ASN B 35 -22.86 21.51 -19.23
C ASN B 35 -22.34 21.44 -17.81
N ASP B 36 -22.43 22.56 -17.09
CA ASP B 36 -21.98 22.64 -15.71
C ASP B 36 -22.60 23.84 -15.01
N LEU B 37 -22.82 23.72 -13.70
CA LEU B 37 -23.52 24.73 -12.89
C LEU B 37 -22.61 25.83 -12.31
N GLY B 38 -21.30 25.60 -12.36
CA GLY B 38 -20.33 26.57 -11.88
C GLY B 38 -20.01 27.72 -12.83
N ASP B 39 -19.47 28.80 -12.25
CA ASP B 39 -18.98 29.95 -12.97
C ASP B 39 -17.97 29.53 -14.05
N PRO B 40 -18.24 29.85 -15.32
CA PRO B 40 -17.34 29.50 -16.43
C PRO B 40 -15.92 30.06 -16.32
N LYS B 41 -15.74 31.18 -15.65
CA LYS B 41 -14.41 31.74 -15.45
C LYS B 41 -13.59 30.90 -14.44
N THR B 42 -14.25 30.38 -13.42
CA THR B 42 -13.58 29.45 -12.49
C THR B 42 -13.19 28.14 -13.20
N ASN B 43 -14.09 27.61 -14.00
CA ASN B 43 -13.80 26.36 -14.72
C ASN B 43 -12.68 26.52 -15.76
N ALA B 44 -12.56 27.71 -16.36
CA ALA B 44 -11.48 28.00 -17.31
C ALA B 44 -10.14 28.08 -16.55
N HIS B 45 -10.16 28.71 -15.38
CA HIS B 45 -8.96 28.83 -14.54
C HIS B 45 -8.45 27.44 -14.18
N LEU B 46 -9.34 26.53 -13.79
CA LEU B 46 -8.96 25.18 -13.37
C LEU B 46 -8.59 24.27 -14.53
N THR B 47 -8.91 24.67 -15.76
CA THR B 47 -8.38 24.05 -16.97
C THR B 47 -6.92 24.46 -17.25
N ARG B 48 -6.58 25.72 -17.02
CA ARG B 48 -5.26 26.28 -17.32
C ARG B 48 -4.20 25.75 -16.32
N TYR B 49 -4.61 25.57 -15.05
CA TYR B 49 -3.71 25.24 -13.92
C TYR B 49 -4.23 24.04 -13.12
N ASP B 50 -3.37 23.05 -12.90
CA ASP B 50 -3.71 21.92 -12.01
C ASP B 50 -2.47 21.51 -11.20
N THR B 51 -2.70 21.07 -9.97
CA THR B 51 -1.60 20.59 -9.15
C THR B 51 -1.04 19.26 -9.68
N ALA B 52 -1.89 18.24 -9.78
CA ALA B 52 -1.45 16.91 -10.22
C ALA B 52 -0.93 16.90 -11.67
N HIS B 53 -1.67 17.54 -12.57
CA HIS B 53 -1.37 17.45 -14.02
C HIS B 53 -0.66 18.67 -14.59
N GLY B 54 -0.29 19.61 -13.74
CA GLY B 54 0.47 20.82 -14.13
C GLY B 54 -0.30 21.76 -15.05
N LYS B 55 0.42 22.62 -15.76
CA LYS B 55 -0.21 23.66 -16.62
C LYS B 55 -0.55 23.09 -17.99
N PHE B 56 -1.77 23.35 -18.46
CA PHE B 56 -2.23 23.00 -19.81
C PHE B 56 -1.33 23.72 -20.82
N PRO B 57 -0.72 22.99 -21.76
CA PRO B 57 0.21 23.64 -22.70
C PRO B 57 -0.44 24.55 -23.78
N GLY B 58 -1.76 24.59 -23.90
CA GLY B 58 -2.44 25.44 -24.89
C GLY B 58 -3.08 26.70 -24.32
N THR B 59 -4.11 27.22 -25.01
CA THR B 59 -4.81 28.44 -24.61
C THR B 59 -6.29 28.20 -24.31
N VAL B 60 -6.81 29.00 -23.36
CA VAL B 60 -8.19 28.93 -22.92
C VAL B 60 -8.70 30.36 -22.71
N SER B 61 -9.81 30.71 -23.36
CA SER B 61 -10.45 32.03 -23.21
C SER B 61 -11.94 31.86 -22.96
N VAL B 62 -12.55 32.72 -22.15
CA VAL B 62 -14.01 32.81 -22.06
C VAL B 62 -14.44 34.00 -22.92
N ASN B 63 -15.52 33.82 -23.68
CA ASN B 63 -15.97 34.77 -24.71
C ASN B 63 -17.48 34.58 -24.90
N GLY B 64 -18.25 35.37 -24.16
CA GLY B 64 -19.70 35.24 -24.17
C GLY B 64 -20.20 33.91 -23.61
N SER B 65 -20.87 33.15 -24.46
CA SER B 65 -21.43 31.85 -24.08
C SER B 65 -20.52 30.68 -24.51
N TYR B 66 -19.25 30.97 -24.78
CA TYR B 66 -18.29 29.97 -25.25
C TYR B 66 -17.03 29.97 -24.37
N MET B 67 -16.43 28.79 -24.21
CA MET B 67 -15.05 28.65 -23.77
C MET B 67 -14.28 28.26 -25.02
N VAL B 68 -13.22 29.00 -25.33
CA VAL B 68 -12.44 28.78 -26.54
C VAL B 68 -11.11 28.10 -26.22
N VAL B 69 -10.92 26.88 -26.70
CA VAL B 69 -9.71 26.10 -26.42
C VAL B 69 -8.89 25.85 -27.67
N ASN B 70 -7.64 26.34 -27.69
CA ASN B 70 -6.80 26.29 -28.89
C ASN B 70 -7.60 26.74 -30.14
N GLY B 71 -8.45 27.75 -29.98
CA GLY B 71 -9.23 28.30 -31.08
C GLY B 71 -10.61 27.71 -31.34
N ASP B 72 -10.94 26.56 -30.72
CA ASP B 72 -12.24 25.92 -30.92
C ASP B 72 -13.27 26.49 -29.94
N LYS B 73 -14.41 26.95 -30.46
CA LYS B 73 -15.46 27.49 -29.61
C LYS B 73 -16.36 26.39 -29.07
N ILE B 74 -16.44 26.26 -27.74
CA ILE B 74 -17.21 25.23 -27.07
C ILE B 74 -18.35 25.89 -26.29
N ARG B 75 -19.58 25.50 -26.58
CA ARG B 75 -20.74 26.11 -25.93
C ARG B 75 -20.85 25.68 -24.48
N VAL B 76 -21.08 26.66 -23.59
CA VAL B 76 -21.20 26.42 -22.15
C VAL B 76 -22.67 26.58 -21.74
N ASP B 77 -23.23 25.53 -21.15
CA ASP B 77 -24.63 25.47 -20.71
C ASP B 77 -24.69 25.29 -19.19
N ALA B 78 -25.87 25.51 -18.60
CA ALA B 78 -26.05 25.24 -17.18
C ALA B 78 -27.50 24.86 -16.83
N ASN B 79 -27.81 23.57 -16.93
CA ASN B 79 -29.15 23.06 -16.65
C ASN B 79 -29.13 21.67 -16.00
N ARG B 80 -29.76 21.56 -14.83
CA ARG B 80 -29.83 20.32 -14.07
C ARG B 80 -30.60 19.20 -14.77
N ASN B 81 -31.52 19.56 -15.68
CA ASN B 81 -32.37 18.59 -16.38
C ASN B 81 -31.86 18.33 -17.80
N PRO B 82 -31.30 17.14 -18.03
CA PRO B 82 -30.77 16.79 -19.36
C PRO B 82 -31.80 16.82 -20.49
N ALA B 83 -33.07 16.55 -20.18
CA ALA B 83 -34.14 16.58 -21.19
C ALA B 83 -34.35 17.97 -21.78
N GLN B 84 -34.03 19.01 -21.00
CA GLN B 84 -34.12 20.40 -21.43
C GLN B 84 -32.87 20.96 -22.14
N LEU B 85 -31.80 20.17 -22.23
CA LEU B 85 -30.58 20.62 -22.91
C LEU B 85 -30.71 20.50 -24.42
N PRO B 86 -30.10 21.42 -25.16
CA PRO B 86 -30.23 21.48 -26.61
C PRO B 86 -29.32 20.51 -27.39
N TRP B 87 -29.28 19.24 -27.01
CA TRP B 87 -28.40 18.28 -27.69
C TRP B 87 -28.85 18.04 -29.13
N GLY B 88 -30.16 18.08 -29.37
CA GLY B 88 -30.70 17.89 -30.70
C GLY B 88 -30.32 19.03 -31.64
N ALA B 89 -30.48 20.28 -31.18
CA ALA B 89 -30.13 21.46 -31.97
C ALA B 89 -28.63 21.57 -32.26
N LEU B 90 -27.78 21.11 -31.33
CA LEU B 90 -26.31 21.11 -31.53
C LEU B 90 -25.79 19.84 -32.21
N LYS B 91 -26.70 18.94 -32.58
CA LYS B 91 -26.36 17.71 -33.33
C LYS B 91 -25.28 16.86 -32.60
N VAL B 92 -25.48 16.66 -31.30
CA VAL B 92 -24.58 15.87 -30.46
C VAL B 92 -24.78 14.37 -30.70
N ASP B 93 -23.69 13.69 -31.08
CA ASP B 93 -23.66 12.24 -31.22
C ASP B 93 -23.56 11.52 -29.86
N VAL B 94 -22.56 11.88 -29.05
CA VAL B 94 -22.32 11.20 -27.76
C VAL B 94 -22.16 12.19 -26.59
N VAL B 95 -22.87 11.94 -25.49
CA VAL B 95 -22.71 12.68 -24.25
C VAL B 95 -21.85 11.83 -23.30
N LEU B 96 -20.76 12.41 -22.81
CA LEU B 96 -19.95 11.76 -21.76
C LEU B 96 -20.51 12.24 -20.45
N GLU B 97 -21.16 11.33 -19.73
CA GLU B 97 -21.91 11.63 -18.51
C GLU B 97 -20.99 11.46 -17.31
N CYS B 98 -20.58 12.59 -16.73
CA CYS B 98 -19.54 12.65 -15.70
C CYS B 98 -19.96 13.31 -14.37
N THR B 99 -21.27 13.42 -14.07
CA THR B 99 -21.72 14.09 -12.83
C THR B 99 -21.87 13.15 -11.63
N GLY B 100 -21.98 11.85 -11.88
CA GLY B 100 -22.28 10.90 -10.83
C GLY B 100 -23.75 10.78 -10.45
N PHE B 101 -24.63 11.62 -11.01
CA PHE B 101 -26.06 11.61 -10.67
C PHE B 101 -26.93 10.82 -11.67
N PHE B 102 -26.36 10.40 -12.81
CA PHE B 102 -27.15 9.68 -13.82
C PHE B 102 -26.49 8.34 -14.24
N THR B 103 -26.33 7.43 -13.28
CA THR B 103 -25.57 6.20 -13.52
C THR B 103 -26.38 4.96 -13.89
N THR B 104 -27.71 5.10 -14.05
CA THR B 104 -28.54 4.03 -14.63
C THR B 104 -29.02 4.46 -16.03
N LYS B 105 -29.44 3.50 -16.86
CA LYS B 105 -29.99 3.82 -18.19
C LYS B 105 -31.27 4.64 -18.07
N GLU B 106 -32.11 4.34 -17.07
CA GLU B 106 -33.36 5.08 -16.85
C GLU B 106 -33.11 6.56 -16.59
N LYS B 107 -32.09 6.87 -15.78
CA LYS B 107 -31.76 8.28 -15.52
C LYS B 107 -31.00 8.92 -16.69
N ALA B 108 -29.99 8.24 -17.21
CA ALA B 108 -29.15 8.79 -18.30
C ALA B 108 -29.89 8.94 -19.63
N GLY B 109 -31.01 8.22 -19.76
CA GLY B 109 -31.85 8.32 -20.95
C GLY B 109 -32.44 9.70 -21.16
N ALA B 110 -32.49 10.50 -20.10
CA ALA B 110 -32.89 11.91 -20.22
C ALA B 110 -32.09 12.67 -21.28
N HIS B 111 -30.80 12.36 -21.45
CA HIS B 111 -29.97 12.97 -22.51
C HIS B 111 -30.47 12.65 -23.91
N ILE B 112 -31.02 11.45 -24.08
CA ILE B 112 -31.55 11.04 -25.37
C ILE B 112 -32.85 11.81 -25.65
N LYS B 113 -33.71 11.99 -24.66
CA LYS B 113 -34.88 12.87 -24.79
C LYS B 113 -34.50 14.31 -25.12
N GLY B 114 -33.32 14.72 -24.66
CA GLY B 114 -32.76 16.03 -25.02
C GLY B 114 -32.27 16.10 -26.46
N GLY B 115 -32.11 14.97 -27.14
CA GLY B 115 -31.71 14.96 -28.54
C GLY B 115 -30.39 14.31 -28.91
N ALA B 116 -29.65 13.80 -27.92
CA ALA B 116 -28.41 13.07 -28.20
C ALA B 116 -28.71 11.65 -28.65
N LYS B 117 -27.76 11.07 -29.39
CA LYS B 117 -27.86 9.69 -29.89
C LYS B 117 -27.41 8.61 -28.89
N LYS B 118 -26.36 8.90 -28.11
CA LYS B 118 -25.70 7.91 -27.25
C LYS B 118 -25.19 8.56 -25.97
N VAL B 119 -25.07 7.77 -24.89
CA VAL B 119 -24.48 8.22 -23.62
C VAL B 119 -23.44 7.19 -23.12
N ILE B 120 -22.26 7.68 -22.69
CA ILE B 120 -21.27 6.83 -22.01
C ILE B 120 -21.09 7.36 -20.57
N ILE B 121 -21.37 6.54 -19.56
CA ILE B 121 -21.25 6.93 -18.15
C ILE B 121 -19.78 6.73 -17.70
N SER B 122 -19.18 7.74 -17.09
CA SER B 122 -17.75 7.71 -16.68
C SER B 122 -17.56 7.00 -15.32
N ALA B 123 -18.22 5.86 -15.13
CA ALA B 123 -18.29 5.17 -13.82
C ALA B 123 -19.00 3.83 -14.01
N PRO B 124 -18.93 2.95 -13.03
CA PRO B 124 -19.77 1.74 -13.03
C PRO B 124 -21.26 2.13 -13.15
N GLY B 125 -22.00 1.39 -13.98
CA GLY B 125 -23.40 1.66 -14.23
C GLY B 125 -24.35 0.75 -13.47
N GLY B 126 -25.62 1.11 -13.46
CA GLY B 126 -26.67 0.26 -12.90
C GLY B 126 -26.86 -1.03 -13.68
N ALA B 127 -27.71 -1.90 -13.15
CA ALA B 127 -27.96 -3.21 -13.74
C ALA B 127 -28.68 -3.13 -15.10
N ASP B 128 -29.19 -1.96 -15.44
CA ASP B 128 -29.93 -1.79 -16.69
C ASP B 128 -29.13 -1.22 -17.85
N VAL B 129 -27.80 -1.04 -17.69
CA VAL B 129 -27.04 -0.47 -18.82
C VAL B 129 -26.90 -1.48 -19.96
N ASP B 130 -26.70 -1.00 -21.19
CA ASP B 130 -26.60 -1.91 -22.34
C ASP B 130 -25.30 -2.69 -22.37
N ALA B 131 -24.22 -2.11 -21.84
CA ALA B 131 -22.91 -2.78 -21.74
C ALA B 131 -22.00 -2.10 -20.72
N THR B 132 -20.98 -2.84 -20.26
CA THR B 132 -19.87 -2.30 -19.45
C THR B 132 -18.59 -2.66 -20.18
N VAL B 133 -17.75 -1.65 -20.51
CA VAL B 133 -16.60 -1.82 -21.40
C VAL B 133 -15.26 -1.47 -20.72
N VAL B 134 -14.29 -2.37 -20.83
CA VAL B 134 -12.86 -2.05 -20.66
C VAL B 134 -12.24 -2.08 -22.05
N TYR B 135 -11.89 -0.93 -22.58
CA TYR B 135 -11.35 -0.83 -23.93
C TYR B 135 -10.06 -1.66 -24.07
N GLY B 136 -9.97 -2.42 -25.17
CA GLY B 136 -8.89 -3.38 -25.41
C GLY B 136 -9.21 -4.81 -24.98
N VAL B 137 -10.14 -4.97 -24.02
CA VAL B 137 -10.50 -6.26 -23.46
C VAL B 137 -11.83 -6.79 -24.05
N ASN B 138 -12.88 -5.97 -24.06
CA ASN B 138 -14.22 -6.41 -24.52
C ASN B 138 -15.01 -5.37 -25.33
N HIS B 139 -14.34 -4.36 -25.92
CA HIS B 139 -15.10 -3.37 -26.67
C HIS B 139 -15.78 -3.99 -27.93
N GLY B 140 -15.34 -5.17 -28.34
CA GLY B 140 -15.98 -5.90 -29.43
C GLY B 140 -17.40 -6.41 -29.13
N THR B 141 -17.79 -6.41 -27.85
CA THR B 141 -19.18 -6.69 -27.46
C THR B 141 -20.22 -5.62 -27.92
N LEU B 142 -19.76 -4.41 -28.26
CA LEU B 142 -20.63 -3.29 -28.57
C LEU B 142 -21.41 -3.50 -29.89
N LYS B 143 -22.64 -3.00 -29.92
CA LYS B 143 -23.55 -3.11 -31.08
C LYS B 143 -24.08 -1.73 -31.44
N SER B 144 -24.44 -1.54 -32.71
CA SER B 144 -24.99 -0.27 -33.19
C SER B 144 -26.30 0.09 -32.51
N THR B 145 -27.00 -0.89 -31.92
CA THR B 145 -28.28 -0.64 -31.24
C THR B 145 -28.13 -0.13 -29.79
N ASP B 146 -26.95 -0.36 -29.18
CA ASP B 146 -26.64 0.11 -27.83
C ASP B 146 -26.72 1.63 -27.74
N THR B 147 -27.36 2.18 -26.69
CA THR B 147 -27.45 3.64 -26.53
C THR B 147 -26.93 4.20 -25.22
N VAL B 148 -26.90 3.41 -24.14
CA VAL B 148 -26.33 3.89 -22.86
C VAL B 148 -25.42 2.81 -22.31
N ILE B 149 -24.11 3.12 -22.17
CA ILE B 149 -23.13 2.17 -21.68
C ILE B 149 -22.28 2.76 -20.51
N SER B 150 -21.58 1.89 -19.79
CA SER B 150 -20.63 2.27 -18.75
C SER B 150 -19.19 1.99 -19.23
N ASN B 151 -18.23 2.88 -18.92
CA ASN B 151 -16.81 2.67 -19.18
C ASN B 151 -16.09 1.98 -18.00
N ALA B 152 -16.88 1.35 -17.12
CA ALA B 152 -16.38 0.69 -15.90
C ALA B 152 -15.67 1.73 -14.95
N SER B 153 -14.72 1.28 -14.13
CA SER B 153 -13.98 2.18 -13.22
C SER B 153 -12.49 2.21 -13.56
N CSD B 154 -11.77 3.16 -12.95
CA CSD B 154 -10.32 3.28 -13.11
CB CSD B 154 -9.78 4.54 -12.38
SG CSD B 154 -10.18 4.62 -10.57
C CSD B 154 -9.58 1.97 -12.71
O CSD B 154 -8.72 1.47 -13.47
OD1 CSD B 154 -11.45 3.52 -10.10
OD2 CSD B 154 -10.60 6.25 -10.03
OD2 CSD B 154 -8.84 4.13 -9.61
N THR B 155 -9.94 1.40 -11.55
CA THR B 155 -9.34 0.15 -11.08
C THR B 155 -9.67 -1.09 -11.95
N THR B 156 -10.93 -1.22 -12.41
CA THR B 156 -11.29 -2.32 -13.32
C THR B 156 -10.52 -2.24 -14.65
N ASN B 157 -10.31 -1.03 -15.16
CA ASN B 157 -9.50 -0.82 -16.35
C ASN B 157 -8.01 -1.15 -16.16
N CYS B 158 -7.49 -1.13 -14.91
CA CYS B 158 -6.13 -1.65 -14.65
C CYS B 158 -6.08 -3.18 -14.53
N LEU B 159 -7.03 -3.75 -13.76
CA LEU B 159 -7.06 -5.17 -13.50
C LEU B 159 -7.43 -6.06 -14.70
N ALA B 160 -8.44 -5.70 -15.48
CA ALA B 160 -8.91 -6.59 -16.55
C ALA B 160 -7.85 -6.85 -17.65
N PRO B 161 -7.06 -5.84 -18.07
CA PRO B 161 -5.94 -6.13 -19.00
C PRO B 161 -4.85 -7.06 -18.44
N LEU B 162 -4.68 -7.15 -17.13
CA LEU B 162 -3.78 -8.18 -16.56
C LEU B 162 -4.34 -9.58 -16.60
N VAL B 163 -5.58 -9.74 -16.14
CA VAL B 163 -6.13 -11.07 -15.99
C VAL B 163 -6.50 -11.73 -17.31
N LYS B 164 -6.82 -10.96 -18.34
CA LYS B 164 -7.19 -11.58 -19.61
C LYS B 164 -6.06 -12.46 -20.18
N PRO B 165 -4.86 -11.94 -20.46
CA PRO B 165 -3.79 -12.82 -20.96
C PRO B 165 -3.37 -13.92 -19.98
N LEU B 166 -3.39 -13.64 -18.68
CA LEU B 166 -3.01 -14.67 -17.71
C LEU B 166 -4.00 -15.84 -17.69
N ASN B 167 -5.30 -15.53 -17.78
CA ASN B 167 -6.32 -16.59 -17.84
C ASN B 167 -6.25 -17.35 -19.20
N ASP B 168 -6.04 -16.62 -20.29
CA ASP B 168 -6.00 -17.25 -21.60
C ASP B 168 -4.83 -18.22 -21.77
N LYS B 169 -3.65 -17.85 -21.26
CA LYS B 169 -2.39 -18.55 -21.59
C LYS B 169 -1.85 -19.44 -20.48
N LEU B 170 -2.51 -19.45 -19.33
CA LEU B 170 -2.06 -20.14 -18.13
C LEU B 170 -3.29 -20.70 -17.38
N GLY B 171 -4.25 -19.82 -17.09
CA GLY B 171 -5.49 -20.17 -16.39
C GLY B 171 -5.50 -19.72 -14.93
N LEU B 172 -6.60 -19.07 -14.53
CA LEU B 172 -6.80 -18.54 -13.17
C LEU B 172 -7.91 -19.31 -12.48
N GLN B 173 -7.58 -20.00 -11.38
CA GLN B 173 -8.54 -20.73 -10.54
C GLN B 173 -9.31 -19.75 -9.63
N ASP B 174 -8.58 -18.93 -8.89
CA ASP B 174 -9.13 -17.97 -7.92
C ASP B 174 -8.15 -16.79 -7.82
N GLY B 175 -8.63 -15.58 -7.49
CA GLY B 175 -7.76 -14.44 -7.25
C GLY B 175 -8.27 -13.42 -6.25
N LEU B 176 -7.33 -12.77 -5.56
CA LEU B 176 -7.65 -11.69 -4.59
C LEU B 176 -6.71 -10.47 -4.84
N MET B 177 -7.31 -9.28 -4.98
CA MET B 177 -6.60 -8.01 -5.27
C MET B 177 -6.58 -7.07 -4.05
N THR B 178 -5.45 -6.41 -3.81
CA THR B 178 -5.39 -5.19 -3.03
C THR B 178 -4.97 -4.06 -3.97
N THR B 179 -5.76 -2.99 -4.08
CA THR B 179 -5.24 -1.78 -4.72
C THR B 179 -4.80 -0.75 -3.69
N VAL B 180 -3.52 -0.37 -3.76
CA VAL B 180 -2.97 0.70 -2.93
C VAL B 180 -3.13 1.99 -3.75
N HIS B 181 -3.96 2.89 -3.25
CA HIS B 181 -4.61 3.93 -4.08
C HIS B 181 -4.44 5.33 -3.49
N ALA B 182 -4.20 6.30 -4.37
CA ALA B 182 -4.15 7.72 -4.02
C ALA B 182 -5.47 8.19 -3.41
N TYR B 183 -5.44 9.19 -2.52
CA TYR B 183 -6.69 9.74 -1.99
C TYR B 183 -7.49 10.50 -3.07
N THR B 184 -8.81 10.65 -2.82
CA THR B 184 -9.71 11.44 -3.70
C THR B 184 -10.53 12.42 -2.89
N ASN B 185 -11.30 13.28 -3.57
CA ASN B 185 -12.08 14.31 -2.88
C ASN B 185 -13.29 13.82 -2.08
N ASN B 186 -13.64 12.54 -2.21
CA ASN B 186 -14.62 11.92 -1.30
C ASN B 186 -14.09 11.82 0.14
N GLN B 187 -12.77 11.84 0.30
CA GLN B 187 -12.14 11.74 1.63
C GLN B 187 -12.03 13.12 2.32
N VAL B 188 -11.38 13.18 3.50
CA VAL B 188 -11.33 14.38 4.33
C VAL B 188 -9.89 14.79 4.73
N LEU B 189 -9.70 16.07 5.08
CA LEU B 189 -8.38 16.58 5.48
C LEU B 189 -8.13 16.32 6.97
N THR B 190 -9.17 16.55 7.77
CA THR B 190 -9.15 16.24 9.20
C THR B 190 -10.52 15.66 9.62
N ASP B 191 -10.57 14.83 10.67
CA ASP B 191 -11.68 13.90 10.86
C ASP B 191 -13.02 14.67 10.95
N VAL B 192 -14.04 14.14 10.28
CA VAL B 192 -15.37 14.76 10.23
C VAL B 192 -16.39 13.72 9.74
N TYR B 193 -17.67 13.98 9.98
CA TYR B 193 -18.74 13.05 9.62
C TYR B 193 -18.69 12.56 8.18
N HIS B 194 -18.86 11.25 8.00
CA HIS B 194 -18.86 10.58 6.69
C HIS B 194 -19.75 9.32 6.82
N GLU B 195 -20.39 8.90 5.73
CA GLU B 195 -21.17 7.63 5.70
C GLU B 195 -20.29 6.37 5.98
N ASP B 196 -19.00 6.43 5.60
CA ASP B 196 -18.01 5.36 5.79
C ASP B 196 -17.11 5.78 6.99
N LEU B 197 -17.09 5.02 8.08
CA LEU B 197 -16.42 5.47 9.31
C LEU B 197 -14.89 5.49 9.19
N ARG B 198 -14.35 4.78 8.19
CA ARG B 198 -12.89 4.82 7.92
C ARG B 198 -12.56 6.03 7.06
N ARG B 199 -13.40 6.33 6.06
CA ARG B 199 -13.16 7.54 5.25
C ARG B 199 -13.43 8.85 6.02
N ALA B 200 -14.10 8.76 7.18
CA ALA B 200 -14.27 9.89 8.09
C ALA B 200 -12.94 10.36 8.72
N ARG B 201 -11.87 9.62 8.51
CA ARG B 201 -10.59 9.90 9.15
C ARG B 201 -9.60 10.55 8.18
N SER B 202 -8.76 11.44 8.72
CA SER B 202 -7.83 12.22 7.87
C SER B 202 -7.10 11.35 6.81
N ALA B 203 -7.27 11.71 5.54
CA ALA B 203 -6.63 11.04 4.40
C ALA B 203 -5.11 11.25 4.32
N THR B 204 -4.61 12.31 4.96
CA THR B 204 -3.21 12.72 4.79
C THR B 204 -2.27 12.09 5.80
N MET B 205 -2.85 11.48 6.84
CA MET B 205 -2.08 10.94 7.99
C MET B 205 -2.14 9.41 8.16
N SER B 206 -3.04 8.73 7.42
CA SER B 206 -3.25 7.29 7.61
C SER B 206 -3.37 6.46 6.32
N MET B 207 -3.08 5.16 6.47
CA MET B 207 -3.53 4.12 5.56
C MET B 207 -4.96 3.76 5.96
N ILE B 208 -5.87 3.77 4.98
CA ILE B 208 -7.34 3.67 5.23
C ILE B 208 -7.98 2.58 4.34
N PRO B 209 -8.26 1.40 4.92
CA PRO B 209 -8.99 0.36 4.16
C PRO B 209 -10.40 0.81 3.73
N THR B 210 -10.77 0.48 2.48
CA THR B 210 -12.11 0.80 1.99
C THR B 210 -12.57 -0.21 0.93
N LYS B 211 -13.88 -0.38 0.77
CA LYS B 211 -14.42 -1.34 -0.21
C LYS B 211 -14.26 -0.82 -1.62
N THR B 212 -14.12 -1.76 -2.55
CA THR B 212 -14.28 -1.48 -3.96
C THR B 212 -14.91 -2.70 -4.65
N GLY B 213 -15.73 -2.44 -5.66
CA GLY B 213 -16.36 -3.51 -6.40
C GLY B 213 -15.60 -3.86 -7.66
N ALA B 214 -14.40 -3.31 -7.85
CA ALA B 214 -13.66 -3.44 -9.11
C ALA B 214 -13.24 -4.86 -9.47
N ALA B 215 -12.92 -5.70 -8.48
CA ALA B 215 -12.53 -7.09 -8.77
C ALA B 215 -13.73 -7.94 -9.21
N ALA B 216 -14.83 -7.84 -8.47
CA ALA B 216 -16.07 -8.49 -8.87
C ALA B 216 -16.58 -8.02 -10.25
N ALA B 217 -16.36 -6.75 -10.58
CA ALA B 217 -16.85 -6.16 -11.83
C ALA B 217 -16.13 -6.74 -13.05
N VAL B 218 -14.97 -7.36 -12.87
CA VAL B 218 -14.30 -8.03 -13.97
C VAL B 218 -15.21 -9.10 -14.61
N GLY B 219 -16.06 -9.74 -13.82
CA GLY B 219 -17.11 -10.62 -14.33
C GLY B 219 -18.09 -10.07 -15.38
N ASP B 220 -18.35 -8.77 -15.38
CA ASP B 220 -19.17 -8.10 -16.41
C ASP B 220 -18.40 -8.02 -17.74
N VAL B 221 -17.07 -7.92 -17.65
CA VAL B 221 -16.21 -7.69 -18.80
C VAL B 221 -15.67 -9.01 -19.38
N LEU B 222 -15.37 -9.96 -18.49
CA LEU B 222 -14.90 -11.31 -18.80
C LEU B 222 -15.80 -12.33 -18.07
N PRO B 223 -16.95 -12.68 -18.65
CA PRO B 223 -17.90 -13.60 -17.99
C PRO B 223 -17.34 -14.93 -17.52
N GLU B 224 -16.32 -15.44 -18.20
CA GLU B 224 -15.61 -16.66 -17.77
C GLU B 224 -14.97 -16.58 -16.36
N LEU B 225 -14.72 -15.37 -15.86
CA LEU B 225 -14.11 -15.20 -14.54
C LEU B 225 -15.12 -14.75 -13.47
N ASP B 226 -16.40 -14.75 -13.81
CA ASP B 226 -17.45 -14.31 -12.90
C ASP B 226 -17.42 -15.14 -11.64
N GLY B 227 -17.33 -14.46 -10.50
CA GLY B 227 -17.30 -15.09 -9.20
C GLY B 227 -15.93 -15.55 -8.72
N LYS B 228 -14.90 -15.43 -9.56
CA LYS B 228 -13.58 -15.98 -9.19
C LYS B 228 -12.61 -14.92 -8.62
N LEU B 229 -13.05 -13.67 -8.51
CA LEU B 229 -12.20 -12.56 -8.05
C LEU B 229 -12.89 -11.70 -7.03
N ASN B 230 -12.13 -11.26 -6.03
CA ASN B 230 -12.60 -10.27 -5.06
C ASN B 230 -11.42 -9.45 -4.55
N GLY B 231 -11.69 -8.42 -3.75
CA GLY B 231 -10.61 -7.55 -3.29
C GLY B 231 -11.06 -6.34 -2.51
N TYR B 232 -10.09 -5.51 -2.11
CA TYR B 232 -10.34 -4.26 -1.40
C TYR B 232 -9.25 -3.22 -1.75
N ALA B 233 -9.44 -1.98 -1.27
CA ALA B 233 -8.51 -0.88 -1.46
C ALA B 233 -7.88 -0.41 -0.13
N ILE B 234 -6.64 0.08 -0.20
CA ILE B 234 -6.05 0.81 0.91
C ILE B 234 -5.71 2.21 0.37
N ARG B 235 -6.39 3.24 0.87
CA ARG B 235 -6.10 4.63 0.52
C ARG B 235 -4.90 5.14 1.34
N VAL B 236 -3.93 5.76 0.67
CA VAL B 236 -2.70 6.26 1.30
C VAL B 236 -2.43 7.72 0.94
N PRO B 237 -1.53 8.42 1.67
CA PRO B 237 -1.30 9.85 1.42
C PRO B 237 -0.49 10.29 0.16
N THR B 238 -1.07 10.01 -1.01
CA THR B 238 -0.60 10.59 -2.29
C THR B 238 -1.76 11.18 -3.06
N ILE B 239 -1.46 12.17 -3.92
CA ILE B 239 -2.48 12.93 -4.68
C ILE B 239 -2.98 12.22 -5.96
N ASN B 240 -2.13 11.39 -6.55
CA ASN B 240 -2.45 10.69 -7.79
C ASN B 240 -1.47 9.55 -8.05
N VAL B 241 -1.92 8.56 -8.82
CA VAL B 241 -1.27 7.31 -9.21
C VAL B 241 -1.49 6.23 -8.15
N SER B 242 -1.80 5.04 -8.64
CA SER B 242 -2.15 3.88 -7.79
C SER B 242 -1.50 2.59 -8.32
N ILE B 243 -1.59 1.50 -7.56
CA ILE B 243 -1.03 0.22 -7.98
C ILE B 243 -2.01 -0.93 -7.63
N VAL B 244 -2.22 -1.81 -8.62
CA VAL B 244 -2.94 -3.09 -8.39
C VAL B 244 -1.95 -4.18 -8.00
N ASP B 245 -2.19 -4.85 -6.86
CA ASP B 245 -1.43 -6.01 -6.39
C ASP B 245 -2.38 -7.23 -6.44
N LEU B 246 -2.18 -8.10 -7.42
CA LEU B 246 -3.05 -9.26 -7.66
C LEU B 246 -2.37 -10.57 -7.21
N SER B 247 -3.00 -11.31 -6.28
CA SER B 247 -2.52 -12.65 -5.92
C SER B 247 -3.49 -13.66 -6.47
N PHE B 248 -3.01 -14.63 -7.26
CA PHE B 248 -3.92 -15.64 -7.84
C PHE B 248 -3.32 -17.02 -7.89
N VAL B 249 -4.19 -18.02 -7.94
CA VAL B 249 -3.79 -19.43 -8.07
C VAL B 249 -3.85 -19.84 -9.55
N ALA B 250 -2.72 -20.21 -10.10
CA ALA B 250 -2.65 -20.66 -11.50
C ALA B 250 -3.17 -22.10 -11.63
N LYS B 251 -3.68 -22.43 -12.82
CA LYS B 251 -4.28 -23.76 -13.09
C LYS B 251 -3.23 -24.87 -13.36
N ARG B 252 -1.97 -24.48 -13.45
CA ARG B 252 -0.85 -25.40 -13.61
C ARG B 252 0.46 -24.82 -13.04
N ASN B 253 1.51 -25.63 -12.97
CA ASN B 253 2.84 -25.17 -12.53
C ASN B 253 3.38 -24.08 -13.48
N THR B 254 4.11 -23.09 -12.93
CA THR B 254 4.66 -22.00 -13.75
C THR B 254 5.89 -21.38 -13.06
N THR B 255 6.45 -20.34 -13.70
CA THR B 255 7.63 -19.62 -13.21
C THR B 255 7.47 -18.11 -13.40
N VAL B 256 8.28 -17.35 -12.68
CA VAL B 256 8.34 -15.89 -12.86
C VAL B 256 8.58 -15.53 -14.33
N GLU B 257 9.51 -16.25 -14.98
CA GLU B 257 9.87 -15.99 -16.38
C GLU B 257 8.68 -16.23 -17.31
N GLU B 258 7.87 -17.27 -17.06
CA GLU B 258 6.75 -17.54 -17.95
C GLU B 258 5.63 -16.50 -17.77
N VAL B 259 5.32 -16.18 -16.52
CA VAL B 259 4.30 -15.17 -16.20
C VAL B 259 4.65 -13.81 -16.85
N ASN B 260 5.88 -13.35 -16.68
CA ASN B 260 6.32 -12.07 -17.26
C ASN B 260 6.31 -12.14 -18.81
N GLY B 261 6.65 -13.30 -19.34
CA GLY B 261 6.66 -13.50 -20.79
C GLY B 261 5.29 -13.39 -21.43
N ILE B 262 4.27 -13.94 -20.78
CA ILE B 262 2.88 -13.82 -21.22
C ILE B 262 2.46 -12.35 -21.26
N LEU B 263 2.79 -11.60 -20.19
CA LEU B 263 2.41 -10.21 -20.09
C LEU B 263 3.15 -9.34 -21.14
N LYS B 264 4.43 -9.60 -21.37
CA LYS B 264 5.22 -8.84 -22.34
C LYS B 264 4.66 -9.05 -23.75
N ALA B 265 4.35 -10.29 -24.10
CA ALA B 265 3.74 -10.60 -25.41
C ALA B 265 2.40 -9.90 -25.62
N ALA B 266 1.55 -9.88 -24.59
CA ALA B 266 0.26 -9.21 -24.68
C ALA B 266 0.44 -7.71 -24.87
N SER B 267 1.41 -7.11 -24.16
CA SER B 267 1.70 -5.67 -24.27
C SER B 267 2.17 -5.24 -25.68
N GLU B 268 2.76 -6.18 -26.42
CA GLU B 268 3.27 -5.94 -27.78
C GLU B 268 2.27 -6.38 -28.87
N GLY B 269 1.19 -7.05 -28.49
CA GLY B 269 0.19 -7.54 -29.43
C GLY B 269 -1.20 -6.95 -29.29
N GLU B 270 -2.17 -7.80 -28.93
CA GLU B 270 -3.58 -7.42 -28.82
C GLU B 270 -3.88 -6.24 -27.86
N LEU B 271 -3.07 -6.09 -26.82
CA LEU B 271 -3.29 -5.03 -25.84
C LEU B 271 -2.28 -3.86 -25.98
N LYS B 272 -1.62 -3.76 -27.13
CA LYS B 272 -0.70 -2.63 -27.38
C LYS B 272 -1.42 -1.28 -27.23
N GLY B 273 -0.81 -0.37 -26.47
CA GLY B 273 -1.40 0.93 -26.20
C GLY B 273 -2.37 0.95 -25.01
N ILE B 274 -2.60 -0.20 -24.38
CA ILE B 274 -3.54 -0.32 -23.26
C ILE B 274 -2.79 -0.92 -22.04
N LEU B 275 -2.18 -2.09 -22.25
CA LEU B 275 -1.25 -2.72 -21.28
C LEU B 275 0.23 -2.50 -21.67
N ASP B 276 1.00 -1.84 -20.79
CA ASP B 276 2.45 -1.63 -21.00
C ASP B 276 3.24 -2.58 -20.06
N TYR B 277 4.56 -2.66 -20.27
CA TYR B 277 5.45 -3.60 -19.57
C TYR B 277 6.77 -2.88 -19.29
N ASN B 278 7.17 -2.81 -18.02
CA ASN B 278 8.32 -2.01 -17.60
C ASN B 278 9.29 -2.83 -16.77
N THR B 279 10.60 -2.65 -17.02
CA THR B 279 11.65 -3.34 -16.28
C THR B 279 12.61 -2.39 -15.58
N GLU B 280 12.29 -1.08 -15.52
CA GLU B 280 13.17 -0.10 -14.88
C GLU B 280 12.78 0.06 -13.38
N PRO B 281 13.71 0.53 -12.56
CA PRO B 281 13.43 0.70 -11.12
C PRO B 281 12.71 2.04 -10.78
N LEU B 282 11.44 2.17 -11.16
CA LEU B 282 10.70 3.43 -11.00
C LEU B 282 9.76 3.47 -9.78
N VAL B 283 9.17 4.63 -9.50
CA VAL B 283 8.25 4.80 -8.36
C VAL B 283 6.99 5.52 -8.83
N SER B 284 5.98 5.68 -7.98
CA SER B 284 4.66 6.10 -8.49
C SER B 284 4.65 7.44 -9.27
N VAL B 285 5.40 8.44 -8.82
CA VAL B 285 5.39 9.74 -9.48
C VAL B 285 5.80 9.68 -10.96
N ASP B 286 6.66 8.72 -11.32
CA ASP B 286 7.08 8.51 -12.72
C ASP B 286 5.94 8.11 -13.67
N TYR B 287 4.84 7.58 -13.10
CA TYR B 287 3.65 7.18 -13.88
C TYR B 287 2.56 8.28 -13.93
N ASN B 288 2.78 9.41 -13.26
CA ASN B 288 1.84 10.54 -13.32
C ASN B 288 1.79 11.07 -14.77
N HIS B 289 0.57 11.28 -15.27
CA HIS B 289 0.35 11.70 -16.68
C HIS B 289 0.71 10.65 -17.74
N ASP B 290 0.83 9.37 -17.35
CA ASP B 290 1.03 8.25 -18.28
C ASP B 290 -0.35 7.74 -18.71
N PRO B 291 -0.67 7.73 -20.00
CA PRO B 291 -2.02 7.37 -20.46
C PRO B 291 -2.38 5.87 -20.55
N ALA B 292 -1.49 4.95 -20.19
CA ALA B 292 -1.79 3.52 -20.21
C ALA B 292 -2.88 3.15 -19.18
N SER B 293 -3.66 2.12 -19.49
CA SER B 293 -4.64 1.60 -18.51
C SER B 293 -3.95 0.85 -17.38
N SER B 294 -2.79 0.25 -17.68
CA SER B 294 -2.14 -0.74 -16.80
C SER B 294 -0.67 -0.87 -17.26
N THR B 295 0.29 -0.69 -16.36
CA THR B 295 1.70 -0.98 -16.68
C THR B 295 2.29 -2.03 -15.70
N VAL B 296 2.56 -3.23 -16.19
CA VAL B 296 3.18 -4.29 -15.36
C VAL B 296 4.58 -3.88 -14.93
N ASP B 297 4.86 -3.99 -13.63
CA ASP B 297 6.19 -3.79 -13.10
C ASP B 297 6.86 -5.16 -13.00
N ALA B 298 7.64 -5.51 -14.03
CA ALA B 298 8.18 -6.88 -14.19
C ALA B 298 9.09 -7.33 -13.03
N SER B 299 9.80 -6.39 -12.41
CA SER B 299 10.71 -6.70 -11.30
C SER B 299 10.00 -7.22 -10.06
N LEU B 300 8.70 -6.95 -9.94
CA LEU B 300 7.94 -7.30 -8.72
C LEU B 300 7.25 -8.67 -8.76
N THR B 301 7.20 -9.32 -9.93
CA THR B 301 6.49 -10.60 -10.08
C THR B 301 7.07 -11.70 -9.18
N LYS B 302 6.23 -12.41 -8.43
CA LYS B 302 6.68 -13.51 -7.57
C LYS B 302 5.85 -14.78 -7.84
N VAL B 303 6.48 -15.95 -7.70
CA VAL B 303 5.79 -17.24 -7.78
C VAL B 303 6.26 -18.16 -6.62
N SER B 304 5.30 -18.70 -5.87
CA SER B 304 5.53 -19.69 -4.81
C SER B 304 4.55 -20.87 -5.04
N GLY B 305 5.05 -21.99 -5.53
CA GLY B 305 4.19 -23.08 -5.98
C GLY B 305 3.28 -22.59 -7.11
N ARG B 306 1.96 -22.73 -6.98
CA ARG B 306 1.02 -22.19 -7.99
C ARG B 306 0.46 -20.82 -7.62
N LEU B 307 0.94 -20.25 -6.51
CA LEU B 307 0.49 -18.92 -6.07
C LEU B 307 1.36 -17.85 -6.73
N VAL B 308 0.72 -16.92 -7.44
CA VAL B 308 1.40 -15.91 -8.25
C VAL B 308 0.99 -14.51 -7.81
N LYS B 309 1.96 -13.60 -7.69
CA LYS B 309 1.72 -12.17 -7.50
C LYS B 309 2.25 -11.35 -8.69
N VAL B 310 1.37 -10.50 -9.23
CA VAL B 310 1.72 -9.54 -10.29
C VAL B 310 1.25 -8.15 -9.84
N SER B 311 2.05 -7.12 -10.12
CA SER B 311 1.73 -5.74 -9.73
C SER B 311 1.78 -4.79 -10.90
N SER B 312 0.81 -3.88 -10.96
CA SER B 312 0.64 -2.99 -12.11
C SER B 312 0.30 -1.55 -11.72
N TRP B 313 1.04 -0.60 -12.28
CA TRP B 313 0.85 0.81 -12.04
C TRP B 313 -0.24 1.42 -12.92
N TYR B 314 -1.04 2.35 -12.37
CA TYR B 314 -2.01 3.13 -13.17
C TYR B 314 -2.18 4.55 -12.65
N ASP B 315 -2.08 5.52 -13.57
CA ASP B 315 -2.57 6.85 -13.28
C ASP B 315 -4.10 6.75 -13.27
N ASN B 316 -4.68 6.79 -12.07
CA ASN B 316 -6.12 6.58 -11.87
C ASN B 316 -7.02 7.67 -12.46
N GLU B 317 -6.43 8.80 -12.85
CA GLU B 317 -7.16 9.86 -13.54
C GLU B 317 -6.92 9.83 -15.06
N TRP B 318 -5.66 9.77 -15.46
CA TRP B 318 -5.27 10.01 -16.87
C TRP B 318 -5.50 8.80 -17.78
N GLY B 319 -5.27 7.60 -17.29
CA GLY B 319 -5.53 6.40 -18.09
C GLY B 319 -7.00 6.34 -18.48
N PHE B 320 -7.86 6.46 -17.48
CA PHE B 320 -9.31 6.43 -17.66
C PHE B 320 -9.82 7.51 -18.63
N SER B 321 -9.28 8.73 -18.51
CA SER B 321 -9.61 9.89 -19.35
C SER B 321 -9.38 9.60 -20.82
N ASN B 322 -8.21 9.04 -21.11
CA ASN B 322 -7.86 8.64 -22.47
C ASN B 322 -8.74 7.49 -22.98
N ARG B 323 -9.07 6.52 -22.12
CA ARG B 323 -9.95 5.42 -22.52
C ARG B 323 -11.37 5.91 -22.88
N MET B 324 -11.85 6.96 -22.22
CA MET B 324 -13.19 7.50 -22.53
C MET B 324 -13.24 7.91 -24.01
N LEU B 325 -12.14 8.44 -24.54
CA LEU B 325 -12.06 8.83 -25.97
C LEU B 325 -12.01 7.62 -26.91
N ASP B 326 -11.24 6.60 -26.53
CA ASP B 326 -11.16 5.34 -27.27
C ASP B 326 -12.54 4.66 -27.36
N THR B 327 -13.26 4.64 -26.24
CA THR B 327 -14.56 3.97 -26.17
C THR B 327 -15.64 4.71 -26.97
N THR B 328 -15.54 6.04 -27.02
CA THR B 328 -16.41 6.90 -27.85
C THR B 328 -16.32 6.45 -29.33
N VAL B 329 -15.09 6.32 -29.84
CA VAL B 329 -14.88 5.89 -31.23
C VAL B 329 -15.40 4.48 -31.47
N ALA B 330 -15.11 3.54 -30.56
CA ALA B 330 -15.61 2.18 -30.68
C ALA B 330 -17.15 2.09 -30.74
N LEU B 331 -17.83 2.90 -29.92
CA LEU B 331 -19.30 2.86 -29.84
C LEU B 331 -19.92 3.33 -31.18
N MET B 332 -19.36 4.40 -31.74
CA MET B 332 -19.86 4.93 -33.02
C MET B 332 -19.45 4.12 -34.24
N SER B 333 -18.45 3.24 -34.10
CA SER B 333 -18.01 2.35 -35.17
C SER B 333 -18.64 0.95 -35.14
N ALA B 334 -19.37 0.62 -34.06
CA ALA B 334 -19.87 -0.74 -33.86
C ALA B 334 -20.92 -1.09 -34.91
N ALA B 335 -20.90 -2.35 -35.34
CA ALA B 335 -21.76 -2.80 -36.45
C ALA B 335 -23.16 -3.09 -35.92
S SO4 C . 15.34 0.64 7.41
O1 SO4 C . 14.43 0.99 6.34
O2 SO4 C . 15.31 1.68 8.43
O3 SO4 C . 14.98 -0.63 8.00
O4 SO4 C . 16.68 0.53 6.83
S SO4 D . 12.98 -6.54 6.40
O1 SO4 D . 11.80 -5.86 5.88
O2 SO4 D . 13.68 -5.74 7.38
O3 SO4 D . 12.50 -7.76 7.05
O4 SO4 D . 13.92 -6.82 5.31
K K E . 18.73 9.05 4.30
S SO4 F . -14.21 8.04 -4.96
O1 SO4 F . -15.65 8.06 -4.78
O2 SO4 F . -13.76 9.42 -5.12
O3 SO4 F . -13.60 7.46 -3.80
O4 SO4 F . -13.84 7.27 -6.14
K K G . -15.01 15.22 1.21
O1 PG4 H . -16.68 16.75 -2.36
C1 PG4 H . -17.94 16.20 -2.03
C2 PG4 H . -17.77 14.72 -1.70
O2 PG4 H . -17.61 14.53 -0.28
C3 PG4 H . -18.65 13.74 0.30
C4 PG4 H . -18.34 13.38 1.76
O3 PG4 H . -17.57 14.40 2.42
C5 PG4 H . -17.54 14.25 3.85
C6 PG4 H . -17.11 15.55 4.53
O4 PG4 H . -15.89 16.05 3.95
C7 PG4 H . -15.66 17.43 4.23
C8 PG4 H . -14.19 17.77 4.08
O5 PG4 H . -13.70 17.55 2.75
#